data_6TD6
#
_entry.id   6TD6
#
_cell.length_a   1.00
_cell.length_b   1.00
_cell.length_c   1.00
_cell.angle_alpha   90.00
_cell.angle_beta   90.00
_cell.angle_gamma   90.00
#
_symmetry.space_group_name_H-M   'P 1'
#
loop_
_entity.id
_entity.type
_entity.pdbx_description
1 polymer 'Protein dispatched'
2 polymer 'Protein hedgehog'
3 branched 2-acetamido-2-deoxy-beta-D-glucopyranose-(1-4)-2-acetamido-2-deoxy-beta-D-glucopyranose
4 non-polymer 2-acetamido-2-deoxy-beta-D-glucopyranose
#
loop_
_entity_poly.entity_id
_entity_poly.type
_entity_poly.pdbx_seq_one_letter_code
_entity_poly.pdbx_strand_id
1 'polypeptide(L)'
;MLCFDSERMNWYYHVLARRPYLVVVSIAVYCVACIIVALVLNKLPDFSDPTLGFETRGTKIGERLTAWYNLLQETDHHGA
LFSNPSDLWERRRVEQGYVETKLHPNHRRRKNKHKNRNKNKRRKEQNQSSHEHHDVAQKMMQFKKRLKATSSPSPNLGFD
TWIGDSGVFRDYEITNDSASSSLEPTRRTEQIEYGHNTTSVDEEEHQQRVQTKKSTWRLLKQAATLPTDGWADMHRRQPI
EGFFCDSSPRKEYSHFVVQRIGPNATDSLFDLNGLLAMCQLQDQITEVPSYRAFCEPEMLTTECCRPWSLPNYAAMLANK
SSCFDLTTEDVTSLHTLLLGCYEYFHDLKMDNHCNEIPHCRAPEECKRLNIVFNVLNFLTDFSFIKSNDSNVYLKYAMIF
IPVAQSNRLLPLFHEWEDVELINELVEVVAMDLGLENELFNELLLTDVWLVSLGGTFVMASVWLYTGSAFITLMSCVAIC
FSLGLAYFFYAIVLEFEFFPYMNLLAVVVIIGIGADDVFLFLKIWHCVLTERFSNRCTLTTQSQSALPTLENSDHTESLE
NIMALTMRHAAASMFVTSLTTAGAFYASYSSSITAIKCFGIFAGTVVVTNYLLMITWLPASVSIMERLFATRMSCHHPMS
IKLIHACKKSINRFCQMFEECITKSIMNYAYLWLLIFGALGASSAVIVFWYPGLQLPEKSHFQLFVSKHPFEVYSSLKQQ
FWFEKPLQAYYNFKMHMHFVWGVQAVDDGDYTNPNSYGHLHYDNNFNVSSRPAQLWILDFCQSVRQQPFYKETLGMLLPN
CFIENLIDYMKRRCIDDMDSTRKDRSPCCDAQFPFEPHIFEYCLPQSISNMYDTTFFRPGVAGPKFAEAPRLETEDYLGM
SGNESAEYSTNGSFTPLLVKALVIEFESNVAYSTIYANIRQFYESVEHWFQMQLKTAPPELQGGWFTSDLKFYNVQDTLS
HDTFVAICLAMAASLAVLLCFTVNILISIYAVLTVSLSIFNTVAVLILLGWQLNILESIAVSTAIGLAVDFSLHYGIHYR
MSPVKERLAATQFVLSRIIGPTVMAATTTGLAGGIMMASNILPYIQIGVFLVVVMIVSWFYATFFLMSLLRVAGPQHGFL
ELKWPLWSKRSSGSSKFYERKPSQVIASEQLLTPTSSAIVELANSETHELESLNSNSLIKTISGIESAHALSSLPRDFEH
SFQTMHECKYQTYPSTSN
;
A
2 'polypeptide(L)'
;MDNHSSVPWASAASVTCLSLDAKCHSSSSSSSSKSAASSISAIPQEETQTMRHIAHTQRCLSRLTSLVALLLIVLPMVFS
PAHSCGPGRGLGRHRARNLYPLVLKQTIPNLSEYTNSASGPLEGVIRRDSPKFKDLVPNYNRDILFRDEEGTGADRLMSK
RCKEKLNVLAYSVMNEWPGIRLLVTESWDEDYHHGQESLHYEGRAVTIATSDRDQSKYGMLARLAVEAGFDWVSYVSRRH
IYCSVKSDSSISSHVHGCFTPESTALLESGVRKPLGELSIGDRVLSMTANGQAVYSEVILFMDRNLEQMQNFVQLHTDGG
AVLTVTPAHLVSVWQPESQKLTFVFADRIEEKNQVLVRDVETGELRPQRVVKVGSVRSKGVVAPLTREGTIVVNSVAASC
YAVINSQSLAHWGLAPMRLLSTLEAWLPAKEQLHSSPKVVSSAQQQNGIHWYANALYKVKDYVLPQSWRHD
;
B
#
loop_
_chem_comp.id
_chem_comp.type
_chem_comp.name
_chem_comp.formula
NAG D-saccharide, beta linking 2-acetamido-2-deoxy-beta-D-glucopyranose 'C8 H15 N O6'
#
# COMPACT_ATOMS: atom_id res chain seq x y z
N SER A 6 3.94 11.99 49.28
CA SER A 6 3.96 12.95 48.17
C SER A 6 4.84 14.13 48.48
N GLU A 7 5.66 14.00 49.51
CA GLU A 7 6.41 15.15 50.01
C GLU A 7 7.17 15.85 48.90
N ARG A 8 8.17 15.19 48.33
CA ARG A 8 8.85 15.77 47.19
C ARG A 8 7.86 16.05 46.08
N MET A 9 6.82 15.21 45.98
CA MET A 9 5.73 15.53 45.08
C MET A 9 5.03 16.79 45.52
N ASN A 10 4.94 17.03 46.82
CA ASN A 10 4.34 18.27 47.28
C ASN A 10 5.25 19.44 46.97
N TRP A 11 6.55 19.29 47.23
CA TRP A 11 7.50 20.30 46.81
C TRP A 11 7.36 20.57 45.33
N TYR A 12 7.05 19.53 44.58
CA TYR A 12 6.98 19.59 43.14
C TYR A 12 5.76 20.39 42.71
N TYR A 13 4.61 20.06 43.28
CA TYR A 13 3.43 20.88 43.09
C TYR A 13 3.76 22.32 43.40
N HIS A 14 4.51 22.53 44.47
CA HIS A 14 4.86 23.88 44.87
C HIS A 14 5.72 24.55 43.83
N VAL A 15 6.73 23.86 43.33
CA VAL A 15 7.58 24.43 42.32
C VAL A 15 6.73 24.87 41.14
N LEU A 16 5.70 24.09 40.86
CA LEU A 16 4.75 24.52 39.85
C LEU A 16 4.05 25.78 40.30
N ALA A 17 3.77 25.85 41.58
CA ALA A 17 3.17 27.03 42.18
C ALA A 17 4.10 28.23 42.09
N ARG A 18 5.38 28.00 41.77
CA ARG A 18 6.42 28.98 42.04
C ARG A 18 7.03 29.61 40.80
N ARG A 19 7.65 28.82 39.94
CA ARG A 19 8.72 29.29 39.07
C ARG A 19 8.48 28.77 37.65
N PRO A 20 7.56 29.38 36.94
CA PRO A 20 7.07 28.82 35.68
C PRO A 20 8.04 28.94 34.52
N TYR A 21 8.56 30.16 34.39
CA TYR A 21 9.17 30.52 33.12
C TYR A 21 10.43 29.72 32.87
N LEU A 22 11.09 29.31 33.94
CA LEU A 22 12.19 28.38 33.81
C LEU A 22 11.82 27.23 32.87
N VAL A 23 10.83 26.43 33.27
CA VAL A 23 10.44 25.28 32.45
C VAL A 23 9.86 25.76 31.14
N VAL A 24 9.01 26.77 31.20
CA VAL A 24 8.40 27.25 29.97
C VAL A 24 9.44 27.33 28.88
N VAL A 25 10.48 28.07 29.16
CA VAL A 25 11.45 28.42 28.14
C VAL A 25 12.38 27.24 27.87
N SER A 26 12.79 26.53 28.92
CA SER A 26 13.74 25.43 28.74
C SER A 26 13.13 24.34 27.89
N ILE A 27 11.83 24.09 28.06
CA ILE A 27 11.18 23.03 27.32
C ILE A 27 10.91 23.49 25.89
N ALA A 28 10.57 24.77 25.72
CA ALA A 28 10.58 25.32 24.38
C ALA A 28 11.90 25.02 23.69
N VAL A 29 12.99 25.15 24.45
CA VAL A 29 14.33 24.97 23.89
C VAL A 29 14.52 23.53 23.46
N TYR A 30 14.36 22.60 24.41
CA TYR A 30 14.50 21.19 24.10
C TYR A 30 13.68 20.85 22.87
N CYS A 31 12.49 21.42 22.78
CA CYS A 31 11.65 21.14 21.64
C CYS A 31 12.35 21.55 20.37
N VAL A 32 12.52 22.84 20.16
CA VAL A 32 13.05 23.29 18.88
C VAL A 32 14.35 22.55 18.57
N ALA A 33 15.07 22.16 19.61
CA ALA A 33 16.30 21.40 19.41
C ALA A 33 16.01 20.11 18.67
N CYS A 34 15.27 19.19 19.31
CA CYS A 34 15.02 17.90 18.68
C CYS A 34 14.25 18.10 17.38
N ILE A 35 13.40 19.12 17.36
CA ILE A 35 12.64 19.45 16.18
C ILE A 35 13.55 19.58 15.00
N ILE A 36 14.46 20.54 15.06
CA ILE A 36 15.25 20.87 13.88
C ILE A 36 16.31 19.82 13.66
N VAL A 37 16.67 19.07 14.71
CA VAL A 37 17.61 17.98 14.53
C VAL A 37 17.02 16.96 13.55
N ALA A 38 15.88 16.36 13.91
CA ALA A 38 15.28 15.41 13.00
C ALA A 38 14.74 16.11 11.75
N LEU A 39 14.65 17.44 11.80
CA LEU A 39 14.29 18.19 10.61
C LEU A 39 15.38 18.12 9.56
N VAL A 40 16.59 18.45 9.96
CA VAL A 40 17.66 18.72 9.02
C VAL A 40 18.49 17.48 8.77
N LEU A 41 18.96 16.84 9.83
CA LEU A 41 19.74 15.62 9.62
C LEU A 41 18.96 14.59 8.83
N ASN A 42 17.76 14.24 9.31
CA ASN A 42 16.89 13.33 8.59
C ASN A 42 16.24 14.09 7.44
N LYS A 43 16.08 13.43 6.30
CA LYS A 43 15.41 14.02 5.16
C LYS A 43 13.90 13.85 5.27
N LEU A 44 13.17 14.53 4.39
CA LEU A 44 11.72 14.52 4.44
C LEU A 44 11.16 13.34 3.67
N PRO A 45 10.75 12.27 4.36
CA PRO A 45 10.25 11.09 3.65
C PRO A 45 9.08 11.45 2.73
N ASP A 46 9.08 10.85 1.55
CA ASP A 46 8.10 11.15 0.50
C ASP A 46 7.60 9.83 -0.10
N PHE A 47 6.41 9.86 -0.68
CA PHE A 47 5.71 8.66 -1.13
C PHE A 47 5.49 8.64 -2.64
N SER A 48 6.39 7.96 -3.36
CA SER A 48 6.15 7.71 -4.77
C SER A 48 4.87 6.93 -5.00
N ASP A 49 4.43 6.18 -3.99
CA ASP A 49 3.31 5.27 -4.13
C ASP A 49 3.05 4.64 -2.77
N PRO A 50 1.83 4.18 -2.48
CA PRO A 50 1.58 3.55 -1.20
C PRO A 50 1.91 2.08 -1.18
N THR A 51 1.90 1.42 -2.34
CA THR A 51 1.93 -0.03 -2.38
C THR A 51 3.28 -0.50 -1.87
N LEU A 52 3.50 -0.26 -0.59
CA LEU A 52 4.77 -0.50 0.06
C LEU A 52 4.55 -1.28 1.35
N GLY A 53 5.58 -1.97 1.79
CA GLY A 53 5.48 -2.76 3.00
C GLY A 53 4.25 -3.61 3.07
N PHE A 54 3.64 -3.93 1.93
CA PHE A 54 2.41 -4.71 1.95
C PHE A 54 2.71 -6.19 1.93
N GLU A 55 3.96 -6.55 2.14
CA GLU A 55 4.30 -7.94 2.28
C GLU A 55 3.88 -8.46 3.64
N THR A 56 4.26 -9.70 3.91
CA THR A 56 4.39 -10.20 5.26
C THR A 56 5.69 -10.98 5.34
N ARG A 57 6.78 -10.26 5.59
CA ARG A 57 8.03 -10.95 5.88
C ARG A 57 7.96 -11.53 7.28
N GLY A 58 8.99 -12.26 7.66
CA GLY A 58 8.94 -13.04 8.87
C GLY A 58 8.02 -14.23 8.80
N THR A 59 7.26 -14.38 7.73
CA THR A 59 6.40 -15.55 7.59
C THR A 59 7.18 -16.69 6.96
N LYS A 60 6.75 -17.91 7.24
CA LYS A 60 7.22 -19.03 6.46
C LYS A 60 7.17 -18.70 4.98
N ILE A 61 6.04 -18.18 4.51
CA ILE A 61 5.92 -17.77 3.12
C ILE A 61 6.87 -16.63 2.85
N GLY A 62 7.20 -15.87 3.88
CA GLY A 62 8.18 -14.84 3.72
C GLY A 62 9.53 -15.43 3.38
N GLU A 63 9.97 -16.39 4.18
CA GLU A 63 11.16 -17.16 3.80
C GLU A 63 11.05 -17.57 2.34
N ARG A 64 9.89 -18.10 1.95
CA ARG A 64 9.75 -18.72 0.65
C ARG A 64 9.86 -17.69 -0.47
N LEU A 65 8.91 -16.75 -0.50
CA LEU A 65 8.93 -15.67 -1.46
C LEU A 65 10.27 -14.98 -1.49
N THR A 66 10.91 -14.82 -0.34
CA THR A 66 12.10 -14.00 -0.28
C THR A 66 13.27 -14.69 -0.94
N ALA A 67 13.63 -15.87 -0.44
CA ALA A 67 14.68 -16.61 -1.11
C ALA A 67 14.37 -16.73 -2.58
N TRP A 68 13.09 -16.96 -2.90
CA TRP A 68 12.71 -17.13 -4.29
C TRP A 68 13.05 -15.91 -5.12
N TYR A 69 12.43 -14.78 -4.79
CA TYR A 69 12.62 -13.55 -5.53
C TYR A 69 14.09 -13.19 -5.62
N ASN A 70 14.81 -13.29 -4.51
CA ASN A 70 16.14 -12.70 -4.45
C ASN A 70 17.16 -13.59 -5.12
N LEU A 71 17.04 -14.89 -4.93
CA LEU A 71 17.74 -15.83 -5.78
C LEU A 71 17.51 -15.50 -7.24
N LEU A 72 16.26 -15.23 -7.60
CA LEU A 72 15.94 -14.98 -9.00
C LEU A 72 16.61 -13.73 -9.51
N GLN A 73 16.66 -12.69 -8.69
CA GLN A 73 17.44 -11.53 -9.05
C GLN A 73 18.93 -11.83 -8.90
N GLU A 74 19.26 -13.03 -8.42
CA GLU A 74 20.63 -13.52 -8.26
C GLU A 74 21.03 -14.54 -9.32
N THR A 75 20.17 -14.81 -10.31
CA THR A 75 20.35 -15.99 -11.17
C THR A 75 21.57 -15.98 -12.06
N ASP A 76 21.58 -15.14 -13.08
CA ASP A 76 22.61 -15.22 -14.13
C ASP A 76 23.14 -13.86 -14.54
N HIS A 77 22.38 -12.79 -14.29
CA HIS A 77 22.87 -11.46 -14.64
C HIS A 77 24.21 -11.20 -13.98
N HIS A 78 24.47 -11.84 -12.85
CA HIS A 78 25.79 -11.88 -12.23
C HIS A 78 25.95 -13.23 -11.55
N GLY A 79 27.04 -13.39 -10.81
CA GLY A 79 27.32 -14.62 -10.11
C GLY A 79 27.59 -15.78 -11.07
N ALA A 80 28.23 -16.82 -10.52
CA ALA A 80 28.49 -18.01 -11.32
C ALA A 80 27.22 -18.78 -11.62
N LEU A 81 26.17 -18.55 -10.83
CA LEU A 81 24.85 -19.05 -11.20
C LEU A 81 24.55 -18.63 -12.63
N PHE A 82 24.33 -19.62 -13.49
CA PHE A 82 24.21 -19.32 -14.92
C PHE A 82 23.36 -20.35 -15.62
N SER A 83 22.85 -19.96 -16.79
CA SER A 83 21.83 -20.77 -17.47
C SER A 83 22.46 -21.96 -18.18
N ASN A 84 23.30 -21.70 -19.21
CA ASN A 84 23.91 -22.75 -20.01
C ASN A 84 25.33 -23.02 -19.53
N PRO A 85 25.72 -24.25 -19.20
CA PRO A 85 27.07 -24.47 -18.66
C PRO A 85 28.17 -24.00 -19.59
N SER A 86 27.86 -23.74 -20.86
CA SER A 86 28.84 -23.13 -21.76
C SER A 86 28.90 -21.62 -21.57
N ASP A 87 27.77 -20.99 -21.31
CA ASP A 87 27.79 -19.54 -21.08
C ASP A 87 28.72 -19.17 -19.94
N LEU A 88 28.92 -20.09 -18.98
CA LEU A 88 30.06 -19.99 -18.08
C LEU A 88 31.36 -20.00 -18.87
N TRP A 89 31.56 -21.06 -19.64
CA TRP A 89 32.83 -21.29 -20.29
C TRP A 89 33.09 -20.22 -21.33
N GLU A 90 34.17 -19.48 -21.14
CA GLU A 90 34.57 -18.46 -22.10
C GLU A 90 33.42 -17.50 -22.39
N SER A 247 0.71 2.18 -38.56
CA SER A 247 1.13 2.12 -37.18
C SER A 247 -0.04 1.72 -36.28
N SER A 248 -0.05 0.41 -35.83
CA SER A 248 -1.18 -0.13 -35.09
C SER A 248 -0.98 0.05 -33.59
N PRO A 249 -2.05 0.30 -32.85
CA PRO A 249 -1.93 0.69 -31.45
C PRO A 249 -1.95 -0.50 -30.51
N ARG A 250 -1.99 -0.17 -29.23
CA ARG A 250 -2.10 -1.14 -28.16
C ARG A 250 -2.30 -0.34 -26.87
N LYS A 251 -2.55 -1.07 -25.78
CA LYS A 251 -2.85 -0.40 -24.52
C LYS A 251 -1.81 0.66 -24.18
N GLU A 252 -0.57 0.47 -24.63
CA GLU A 252 0.50 1.36 -24.22
C GLU A 252 0.24 2.80 -24.64
N TYR A 253 -0.79 3.04 -25.44
CA TYR A 253 -1.25 4.40 -25.63
C TYR A 253 -2.50 4.65 -24.80
N SER A 254 -2.55 5.86 -24.26
CA SER A 254 -3.65 6.28 -23.41
C SER A 254 -4.98 6.05 -24.09
N HIS A 255 -6.05 6.10 -23.31
CA HIS A 255 -7.37 5.84 -23.86
C HIS A 255 -8.48 6.25 -22.92
N PHE A 256 -9.61 6.54 -23.55
CA PHE A 256 -10.82 7.00 -22.89
C PHE A 256 -11.92 5.97 -23.06
N VAL A 257 -12.82 5.91 -22.08
CA VAL A 257 -14.04 5.13 -22.14
C VAL A 257 -15.19 6.12 -22.18
N VAL A 258 -16.17 5.84 -23.03
CA VAL A 258 -17.15 6.81 -23.47
C VAL A 258 -18.52 6.15 -23.48
N GLN A 259 -19.56 6.95 -23.73
CA GLN A 259 -20.90 6.44 -23.86
C GLN A 259 -21.79 7.56 -24.41
N ARG A 260 -23.09 7.27 -24.46
CA ARG A 260 -24.09 8.25 -24.87
C ARG A 260 -25.03 8.51 -23.71
N ILE A 261 -24.80 9.62 -23.01
CA ILE A 261 -25.73 10.10 -21.99
C ILE A 261 -25.60 11.62 -21.86
N ASN A 264 -29.15 9.96 -24.30
CA ASN A 264 -30.55 10.36 -24.27
C ASN A 264 -31.45 9.16 -24.59
N ALA A 265 -31.56 8.82 -25.87
CA ALA A 265 -32.42 7.71 -26.27
C ALA A 265 -31.86 6.38 -25.81
N THR A 266 -30.57 6.35 -25.45
CA THR A 266 -29.96 5.18 -24.81
C THR A 266 -29.85 4.00 -25.78
N ASP A 267 -29.46 4.25 -27.02
CA ASP A 267 -29.44 3.21 -28.04
C ASP A 267 -28.01 2.76 -28.33
N SER A 268 -27.89 1.79 -29.23
CA SER A 268 -26.60 1.39 -29.74
C SER A 268 -25.90 2.60 -30.37
N LEU A 269 -24.62 2.74 -30.05
CA LEU A 269 -23.85 3.84 -30.61
C LEU A 269 -23.60 3.64 -32.10
N PHE A 270 -24.09 2.53 -32.64
CA PHE A 270 -23.92 2.20 -34.04
C PHE A 270 -24.55 3.25 -34.97
N ASP A 271 -25.22 4.25 -34.40
CA ASP A 271 -25.98 5.22 -35.18
C ASP A 271 -25.17 6.50 -35.45
N LEU A 272 -25.74 7.37 -36.28
CA LEU A 272 -25.05 8.58 -36.73
C LEU A 272 -25.08 9.70 -35.70
N ASN A 273 -26.26 9.99 -35.15
CA ASN A 273 -26.40 11.08 -34.20
C ASN A 273 -25.19 11.15 -33.27
N GLY A 274 -24.91 10.05 -32.57
CA GLY A 274 -23.73 10.00 -31.72
C GLY A 274 -22.44 10.10 -32.50
N LEU A 275 -22.46 9.72 -33.78
CA LEU A 275 -21.25 9.83 -34.61
C LEU A 275 -20.80 11.27 -34.77
N LEU A 276 -21.70 12.16 -35.15
CA LEU A 276 -21.27 13.54 -35.32
C LEU A 276 -21.19 14.24 -33.96
N ALA A 277 -21.97 13.77 -32.99
CA ALA A 277 -21.65 14.10 -31.60
C ALA A 277 -20.18 13.82 -31.31
N MET A 278 -19.68 12.68 -31.78
CA MET A 278 -18.25 12.40 -31.68
C MET A 278 -17.46 13.46 -32.42
N CYS A 279 -17.67 13.58 -33.72
CA CYS A 279 -16.92 14.55 -34.50
C CYS A 279 -16.67 15.81 -33.70
N GLN A 280 -17.75 16.36 -33.14
CA GLN A 280 -17.61 17.40 -32.14
C GLN A 280 -16.62 17.04 -31.06
N LEU A 281 -16.83 15.89 -30.39
CA LEU A 281 -16.01 15.56 -29.24
C LEU A 281 -14.54 15.43 -29.63
N GLN A 282 -14.27 14.86 -30.80
CA GLN A 282 -12.90 14.70 -31.28
C GLN A 282 -12.25 16.05 -31.49
N ASP A 283 -12.87 16.88 -32.31
CA ASP A 283 -12.29 18.20 -32.56
C ASP A 283 -12.18 18.99 -31.27
N GLN A 284 -12.99 18.67 -30.27
CA GLN A 284 -12.82 19.24 -28.94
C GLN A 284 -11.61 18.65 -28.24
N ILE A 285 -11.38 17.36 -28.47
CA ILE A 285 -10.36 16.61 -27.77
C ILE A 285 -8.97 17.04 -28.19
N THR A 286 -8.62 16.78 -29.44
CA THR A 286 -7.26 17.02 -29.87
C THR A 286 -6.99 18.50 -30.07
N GLU A 287 -8.02 19.33 -29.90
CA GLU A 287 -7.91 20.77 -30.05
C GLU A 287 -6.93 21.39 -29.06
N VAL A 288 -6.49 20.65 -28.05
CA VAL A 288 -5.74 21.30 -26.97
C VAL A 288 -4.30 21.52 -27.40
N PRO A 289 -3.69 22.68 -27.12
CA PRO A 289 -2.27 22.84 -27.43
C PRO A 289 -1.37 22.06 -26.50
N SER A 290 -1.64 22.10 -25.20
CA SER A 290 -0.91 21.23 -24.30
C SER A 290 -0.88 19.82 -24.84
N TYR A 291 -1.97 19.40 -25.47
CA TYR A 291 -1.94 18.14 -26.19
C TYR A 291 -0.90 18.17 -27.28
N ARG A 292 -0.91 19.21 -28.11
CA ARG A 292 0.16 19.38 -29.07
C ARG A 292 1.52 19.18 -28.41
N ALA A 293 1.62 19.55 -27.15
CA ALA A 293 2.87 19.38 -26.43
C ALA A 293 3.34 17.94 -26.48
N PHE A 294 2.49 17.01 -26.08
CA PHE A 294 2.79 15.60 -26.15
C PHE A 294 2.24 14.95 -27.40
N CYS A 295 1.60 15.73 -28.28
CA CYS A 295 1.03 15.17 -29.50
C CYS A 295 1.94 14.16 -30.18
N GLU A 296 3.24 14.38 -30.15
CA GLU A 296 4.10 13.59 -31.02
C GLU A 296 3.55 13.66 -32.44
N PRO A 297 3.68 14.78 -33.14
CA PRO A 297 3.32 14.77 -34.55
C PRO A 297 4.34 13.96 -35.31
N GLU A 298 3.96 12.73 -35.59
CA GLU A 298 4.86 11.78 -36.21
C GLU A 298 4.94 12.12 -37.68
N MET A 299 5.56 11.25 -38.45
CA MET A 299 5.76 11.38 -39.88
C MET A 299 6.86 12.37 -40.18
N LEU A 300 7.52 12.93 -39.18
CA LEU A 300 8.61 13.87 -39.42
C LEU A 300 8.06 15.12 -40.10
N THR A 301 6.74 15.29 -40.00
CA THR A 301 6.00 16.27 -40.76
C THR A 301 5.51 17.41 -39.89
N THR A 302 5.80 17.36 -38.60
CA THR A 302 5.10 18.21 -37.64
C THR A 302 3.59 18.00 -37.78
N GLU A 303 3.22 16.83 -38.30
CA GLU A 303 1.82 16.45 -38.47
C GLU A 303 1.42 15.63 -37.26
N CYS A 304 0.40 16.09 -36.56
CA CYS A 304 -0.03 15.46 -35.32
C CYS A 304 -0.55 14.07 -35.68
N CYS A 305 0.23 13.05 -35.36
CA CYS A 305 -0.06 11.69 -35.83
C CYS A 305 -1.53 11.36 -35.60
N ARG A 306 -2.15 10.76 -36.61
CA ARG A 306 -3.60 10.74 -36.72
C ARG A 306 -4.25 9.76 -35.73
N PRO A 307 -5.46 10.06 -35.25
CA PRO A 307 -6.19 9.07 -34.45
C PRO A 307 -6.78 7.97 -35.33
N TRP A 308 -6.36 6.75 -35.07
CA TRP A 308 -6.96 5.57 -35.68
C TRP A 308 -8.32 5.40 -35.02
N SER A 309 -9.21 6.35 -35.26
CA SER A 309 -10.46 6.42 -34.52
C SER A 309 -11.58 5.95 -35.42
N LEU A 310 -12.80 6.04 -34.91
CA LEU A 310 -13.93 5.38 -35.58
C LEU A 310 -14.44 6.18 -36.77
N PRO A 311 -14.76 7.46 -36.64
CA PRO A 311 -15.13 8.22 -37.83
C PRO A 311 -13.94 8.38 -38.75
N ASN A 312 -12.74 8.30 -38.19
CA ASN A 312 -11.55 8.19 -39.00
C ASN A 312 -11.49 6.86 -39.72
N TYR A 313 -11.63 5.75 -38.99
CA TYR A 313 -11.81 4.47 -39.67
C TYR A 313 -12.76 4.60 -40.84
N ALA A 314 -13.82 5.38 -40.64
CA ALA A 314 -14.93 5.36 -41.57
C ALA A 314 -14.61 6.17 -42.81
N ALA A 315 -14.34 7.46 -42.64
CA ALA A 315 -13.88 8.25 -43.77
C ALA A 315 -12.60 7.69 -44.36
N MET A 316 -11.95 6.76 -43.66
CA MET A 316 -10.71 6.17 -44.15
C MET A 316 -11.00 5.05 -45.12
N LEU A 317 -11.90 4.13 -44.77
CA LEU A 317 -12.38 3.19 -45.78
C LEU A 317 -13.43 3.84 -46.65
N ALA A 318 -13.98 4.96 -46.20
CA ALA A 318 -14.42 5.94 -47.19
C ALA A 318 -13.19 6.60 -47.78
N ASN A 319 -13.41 7.44 -48.77
CA ASN A 319 -12.33 8.27 -49.26
C ASN A 319 -12.55 9.73 -48.94
N LYS A 320 -13.30 9.99 -47.89
CA LYS A 320 -13.64 11.32 -47.42
C LYS A 320 -12.80 11.67 -46.20
N SER A 321 -13.18 12.76 -45.56
CA SER A 321 -12.66 13.12 -44.25
C SER A 321 -13.66 12.63 -43.19
N SER A 322 -13.13 12.21 -42.05
CA SER A 322 -13.96 11.71 -40.95
C SER A 322 -15.10 12.67 -40.67
N CYS A 323 -16.18 12.11 -40.12
CA CYS A 323 -17.44 12.80 -39.84
C CYS A 323 -18.29 12.99 -41.08
N PHE A 324 -17.78 12.68 -42.26
CA PHE A 324 -18.54 12.72 -43.50
C PHE A 324 -18.96 11.32 -43.85
N ASP A 325 -18.70 10.41 -42.91
CA ASP A 325 -18.71 8.98 -43.18
C ASP A 325 -20.06 8.51 -43.70
N LEU A 326 -21.07 9.38 -43.64
CA LEU A 326 -22.38 9.09 -44.21
C LEU A 326 -22.88 7.72 -43.73
N THR A 327 -23.08 7.67 -42.42
CA THR A 327 -23.50 6.44 -41.74
C THR A 327 -24.64 5.73 -42.46
N THR A 328 -25.64 6.49 -42.91
CA THR A 328 -26.96 5.93 -43.20
C THR A 328 -26.88 4.53 -43.80
N GLU A 329 -25.93 4.28 -44.68
CA GLU A 329 -25.71 2.95 -45.25
C GLU A 329 -24.32 2.44 -45.00
N ASP A 330 -23.38 3.34 -44.77
CA ASP A 330 -22.02 2.98 -44.42
C ASP A 330 -22.04 2.08 -43.19
N VAL A 331 -22.55 2.64 -42.11
CA VAL A 331 -22.82 1.93 -40.87
C VAL A 331 -23.40 0.56 -41.15
N THR A 332 -24.38 0.51 -42.03
CA THR A 332 -25.08 -0.72 -42.33
C THR A 332 -24.14 -1.77 -42.91
N SER A 333 -23.59 -1.47 -44.10
CA SER A 333 -22.72 -2.43 -44.75
C SER A 333 -21.59 -2.83 -43.82
N LEU A 334 -21.22 -1.95 -42.92
CA LEU A 334 -20.12 -2.27 -42.01
C LEU A 334 -20.53 -3.35 -41.04
N HIS A 335 -21.53 -3.06 -40.22
CA HIS A 335 -22.10 -4.10 -39.35
C HIS A 335 -22.23 -5.41 -40.11
N THR A 336 -22.57 -5.31 -41.39
CA THR A 336 -22.60 -6.49 -42.23
C THR A 336 -21.23 -7.14 -42.27
N LEU A 337 -20.20 -6.34 -42.48
CA LEU A 337 -18.84 -6.87 -42.49
C LEU A 337 -18.53 -7.56 -41.17
N LEU A 338 -19.04 -6.98 -40.10
CA LEU A 338 -18.68 -7.43 -38.75
C LEU A 338 -19.23 -8.82 -38.47
N LEU A 339 -20.50 -9.03 -38.76
CA LEU A 339 -20.98 -10.40 -38.62
C LEU A 339 -20.36 -11.30 -39.66
N GLY A 340 -20.27 -10.85 -40.91
CA GLY A 340 -19.45 -11.57 -41.88
C GLY A 340 -18.02 -11.67 -41.42
N CYS A 341 -17.64 -10.86 -40.45
CA CYS A 341 -16.36 -10.95 -39.79
C CYS A 341 -16.43 -11.90 -38.62
N TYR A 342 -15.47 -12.83 -38.62
CA TYR A 342 -15.14 -13.60 -37.44
C TYR A 342 -13.90 -14.42 -37.77
N GLU A 343 -12.99 -14.49 -36.82
CA GLU A 343 -11.76 -15.22 -37.00
C GLU A 343 -11.84 -16.59 -36.34
N LYS A 367 -13.54 -10.37 -47.25
CA LYS A 367 -12.36 -9.53 -47.40
C LYS A 367 -11.74 -9.25 -46.03
N ARG A 368 -10.46 -8.91 -46.04
CA ARG A 368 -9.71 -8.66 -44.81
C ARG A 368 -8.89 -7.39 -44.95
N LEU A 369 -9.54 -6.30 -45.36
CA LEU A 369 -8.87 -5.02 -45.32
C LEU A 369 -8.11 -4.90 -44.01
N ASN A 370 -7.05 -4.10 -44.03
CA ASN A 370 -5.79 -4.51 -43.43
C ASN A 370 -5.96 -5.29 -42.13
N ILE A 371 -6.37 -4.63 -41.04
CA ILE A 371 -6.83 -5.37 -39.86
C ILE A 371 -8.05 -4.69 -39.26
N VAL A 372 -8.45 -3.53 -39.81
CA VAL A 372 -9.35 -2.64 -39.09
C VAL A 372 -10.42 -3.44 -38.37
N PHE A 373 -10.86 -4.52 -39.01
CA PHE A 373 -11.70 -5.49 -38.33
C PHE A 373 -11.14 -5.86 -36.97
N ASN A 374 -9.95 -6.42 -36.94
CA ASN A 374 -9.44 -6.97 -35.70
C ASN A 374 -8.98 -5.87 -34.75
N VAL A 375 -8.44 -4.79 -35.30
CA VAL A 375 -8.12 -3.63 -34.47
C VAL A 375 -9.33 -3.23 -33.66
N LEU A 376 -10.40 -2.86 -34.34
CA LEU A 376 -11.57 -2.43 -33.59
C LEU A 376 -12.23 -3.60 -32.89
N ASN A 377 -11.79 -4.84 -33.15
CA ASN A 377 -12.07 -5.88 -32.20
C ASN A 377 -11.43 -5.59 -30.85
N PHE A 378 -10.14 -5.30 -30.85
CA PHE A 378 -9.52 -4.84 -29.61
C PHE A 378 -10.26 -3.68 -29.01
N LEU A 379 -10.80 -2.79 -29.85
CA LEU A 379 -11.45 -1.60 -29.31
C LEU A 379 -12.50 -1.93 -28.24
N THR A 380 -13.53 -2.68 -28.59
CA THR A 380 -14.61 -2.90 -27.62
C THR A 380 -14.87 -4.38 -27.36
N ASP A 381 -15.95 -4.64 -26.63
CA ASP A 381 -16.10 -5.85 -25.85
C ASP A 381 -17.02 -6.87 -26.52
N PHE A 382 -17.34 -7.92 -25.77
CA PHE A 382 -18.22 -8.98 -26.25
C PHE A 382 -19.63 -8.44 -26.46
N SER A 383 -19.89 -7.22 -25.99
CA SER A 383 -21.24 -6.68 -25.95
C SER A 383 -21.64 -6.07 -27.30
N PHE A 384 -21.46 -6.85 -28.36
CA PHE A 384 -21.97 -6.44 -29.67
C PHE A 384 -22.56 -7.57 -30.48
N ILE A 385 -22.28 -8.83 -30.14
CA ILE A 385 -22.93 -9.97 -30.78
C ILE A 385 -22.89 -11.17 -29.83
N VAL A 392 -25.28 -6.67 -30.61
CA VAL A 392 -25.18 -5.26 -30.94
C VAL A 392 -25.20 -4.50 -29.62
N TYR A 393 -25.46 -3.20 -29.68
CA TYR A 393 -25.73 -2.40 -28.50
C TYR A 393 -24.48 -2.29 -27.62
N LEU A 394 -23.37 -2.05 -28.30
CA LEU A 394 -22.20 -1.49 -27.66
C LEU A 394 -22.65 -0.39 -26.70
N LYS A 395 -22.23 -0.49 -25.45
CA LYS A 395 -22.63 0.51 -24.46
C LYS A 395 -21.76 1.75 -24.54
N TYR A 396 -20.47 1.56 -24.83
CA TYR A 396 -19.48 2.60 -24.64
C TYR A 396 -18.80 2.90 -25.96
N ALA A 397 -18.15 4.06 -26.02
CA ALA A 397 -17.16 4.32 -27.05
C ALA A 397 -15.78 4.27 -26.40
N MET A 398 -14.75 4.47 -27.20
CA MET A 398 -13.41 4.39 -26.65
C MET A 398 -12.42 5.08 -27.55
N ILE A 399 -11.49 5.81 -26.92
CA ILE A 399 -10.48 6.58 -27.63
C ILE A 399 -9.12 5.97 -27.36
N PHE A 400 -8.31 5.87 -28.41
CA PHE A 400 -6.86 5.85 -28.32
C PHE A 400 -6.32 7.17 -28.79
N ILE A 401 -5.06 7.44 -28.49
CA ILE A 401 -4.36 8.60 -29.02
C ILE A 401 -2.91 8.23 -29.28
N PRO A 402 -2.33 8.65 -30.39
CA PRO A 402 -0.96 8.21 -30.69
C PRO A 402 0.02 8.92 -29.77
N VAL A 403 -0.10 8.64 -28.48
CA VAL A 403 0.50 9.50 -27.47
C VAL A 403 1.03 8.62 -26.34
N ALA A 404 1.86 9.21 -25.49
CA ALA A 404 2.58 8.46 -24.48
C ALA A 404 1.74 8.25 -23.23
N GLN A 405 1.95 7.10 -22.59
CA GLN A 405 1.31 6.78 -21.33
C GLN A 405 2.34 6.84 -20.21
N SER A 406 2.22 7.81 -19.32
CA SER A 406 3.23 8.04 -18.29
C SER A 406 2.65 8.91 -17.19
N ASN A 407 3.55 9.41 -16.35
CA ASN A 407 3.24 10.47 -15.41
C ASN A 407 3.48 11.85 -16.00
N ARG A 408 3.82 11.91 -17.28
CA ARG A 408 4.37 13.11 -17.90
C ARG A 408 3.30 14.08 -18.37
N LEU A 409 2.05 13.67 -18.28
CA LEU A 409 0.94 14.33 -18.95
C LEU A 409 -0.04 14.90 -17.94
N LEU A 410 0.42 14.88 -16.72
CA LEU A 410 -0.21 15.55 -15.62
C LEU A 410 -0.83 16.87 -16.04
N PRO A 411 -0.06 17.80 -16.61
CA PRO A 411 -0.69 19.06 -17.04
C PRO A 411 -1.90 18.83 -17.88
N LEU A 412 -1.86 17.82 -18.74
CA LEU A 412 -2.98 17.57 -19.62
C LEU A 412 -4.07 16.79 -18.91
N PHE A 413 -3.70 15.97 -17.94
CA PHE A 413 -4.70 15.45 -17.04
C PHE A 413 -5.52 16.60 -16.47
N HIS A 414 -4.85 17.61 -15.92
CA HIS A 414 -5.55 18.80 -15.46
C HIS A 414 -6.38 19.40 -16.57
N GLU A 415 -5.77 19.54 -17.73
CA GLU A 415 -6.35 20.37 -18.76
C GLU A 415 -7.61 19.71 -19.34
N TRP A 416 -7.76 18.41 -19.11
CA TRP A 416 -9.03 17.78 -19.44
C TRP A 416 -9.89 17.61 -18.20
N GLU A 417 -9.29 17.71 -17.01
CA GLU A 417 -10.09 17.86 -15.81
C GLU A 417 -10.90 19.14 -15.88
N ASP A 418 -10.40 20.11 -16.64
CA ASP A 418 -11.12 21.36 -16.82
C ASP A 418 -12.35 21.16 -17.69
N VAL A 419 -12.19 20.39 -18.76
CA VAL A 419 -13.21 20.28 -19.80
C VAL A 419 -13.87 18.91 -19.65
N GLU A 420 -15.20 18.90 -19.71
CA GLU A 420 -15.98 17.68 -19.54
C GLU A 420 -16.01 16.80 -20.77
N LEU A 421 -16.06 17.38 -21.97
CA LEU A 421 -16.12 16.64 -23.22
C LEU A 421 -17.38 15.79 -23.34
N ILE A 422 -18.47 16.18 -22.68
CA ILE A 422 -19.68 15.38 -22.63
C ILE A 422 -20.87 16.12 -23.25
N ASN A 423 -20.62 16.91 -24.29
CA ASN A 423 -21.44 18.08 -24.61
C ASN A 423 -22.92 17.87 -24.39
N GLU A 424 -23.53 16.95 -25.15
CA GLU A 424 -24.97 16.81 -25.16
C GLU A 424 -25.40 15.38 -24.88
N LEU A 425 -24.80 14.44 -25.60
CA LEU A 425 -25.28 13.08 -25.67
C LEU A 425 -24.47 12.10 -24.86
N VAL A 426 -23.32 12.51 -24.31
CA VAL A 426 -22.24 11.58 -24.07
C VAL A 426 -21.64 11.76 -22.69
N GLU A 427 -20.59 10.99 -22.44
CA GLU A 427 -19.83 11.04 -21.20
C GLU A 427 -18.49 10.37 -21.46
N VAL A 428 -17.41 11.11 -21.21
CA VAL A 428 -16.08 10.48 -21.14
C VAL A 428 -16.03 9.79 -19.80
N VAL A 429 -16.30 8.48 -19.79
CA VAL A 429 -16.74 7.79 -18.59
C VAL A 429 -15.61 7.14 -17.82
N ALA A 430 -14.54 6.69 -18.47
CA ALA A 430 -13.45 6.04 -17.74
C ALA A 430 -12.14 6.22 -18.51
N MET A 431 -11.30 7.13 -18.04
CA MET A 431 -10.05 7.47 -18.69
C MET A 431 -8.92 6.73 -17.98
N ASP A 432 -8.19 5.91 -18.72
CA ASP A 432 -7.18 5.06 -18.12
C ASP A 432 -5.78 5.62 -18.41
N LEU A 433 -5.09 6.09 -17.37
CA LEU A 433 -3.82 6.80 -17.52
C LEU A 433 -2.99 6.66 -16.24
N GLY A 434 -1.67 6.55 -16.44
CA GLY A 434 -0.74 6.32 -15.35
C GLY A 434 -0.21 7.56 -14.67
N LEU A 435 -1.07 8.22 -13.90
CA LEU A 435 -0.72 9.46 -13.22
C LEU A 435 -1.17 9.45 -11.77
N GLU A 436 -1.20 8.27 -11.15
CA GLU A 436 -2.04 8.07 -9.97
C GLU A 436 -1.35 8.53 -8.71
N ASN A 437 -0.24 7.86 -8.38
CA ASN A 437 0.43 8.13 -7.12
C ASN A 437 0.85 9.59 -7.04
N GLU A 438 0.69 10.31 -8.14
CA GLU A 438 1.05 11.72 -8.19
C GLU A 438 -0.07 12.56 -7.61
N LEU A 439 -1.26 12.46 -8.22
CA LEU A 439 -2.44 13.03 -7.62
C LEU A 439 -2.54 12.64 -6.16
N PHE A 440 -2.18 11.41 -5.86
CA PHE A 440 -2.19 10.94 -4.48
C PHE A 440 -1.49 11.94 -3.57
N ASN A 441 -0.20 12.17 -3.82
CA ASN A 441 0.56 13.14 -3.04
C ASN A 441 -0.12 14.49 -3.03
N GLU A 442 -0.46 15.00 -4.21
CA GLU A 442 -0.94 16.37 -4.31
C GLU A 442 -2.20 16.57 -3.46
N LEU A 443 -3.01 15.53 -3.34
CA LEU A 443 -4.29 15.71 -2.66
C LEU A 443 -4.14 15.51 -1.17
N LEU A 444 -3.23 14.66 -0.75
CA LEU A 444 -2.82 14.71 0.65
C LEU A 444 -2.40 16.13 1.01
N LEU A 445 -1.65 16.74 0.09
CA LEU A 445 -1.18 18.10 0.29
C LEU A 445 -2.34 19.08 0.41
N THR A 446 -3.38 18.86 -0.39
CA THR A 446 -4.60 19.64 -0.27
C THR A 446 -5.21 19.51 1.12
N ASP A 447 -5.36 18.28 1.55
CA ASP A 447 -6.22 18.00 2.66
C ASP A 447 -5.59 18.36 4.00
N VAL A 448 -4.27 18.34 4.10
CA VAL A 448 -3.66 18.77 5.36
C VAL A 448 -4.03 20.22 5.66
N TRP A 449 -3.92 21.09 4.64
CA TRP A 449 -4.38 22.46 4.81
C TRP A 449 -5.85 22.46 5.17
N LEU A 450 -6.62 21.61 4.52
CA LEU A 450 -8.04 21.59 4.86
C LEU A 450 -8.26 21.16 6.31
N VAL A 451 -7.27 20.49 6.91
CA VAL A 451 -7.41 19.91 8.24
C VAL A 451 -7.14 20.90 9.34
N SER A 452 -6.12 21.74 9.15
CA SER A 452 -5.90 22.82 10.12
C SER A 452 -7.22 23.51 10.45
N LEU A 453 -8.18 23.37 9.55
CA LEU A 453 -9.51 23.96 9.70
C LEU A 453 -10.22 23.46 10.94
N GLY A 454 -10.55 22.16 11.00
CA GLY A 454 -11.18 21.62 12.18
C GLY A 454 -10.32 21.83 13.41
N GLY A 455 -9.01 21.87 13.21
CA GLY A 455 -8.16 22.30 14.30
C GLY A 455 -8.66 23.62 14.89
N THR A 456 -8.69 24.66 14.07
CA THR A 456 -9.09 25.98 14.55
C THR A 456 -10.50 25.95 15.12
N PHE A 457 -11.35 25.09 14.55
CA PHE A 457 -12.68 24.89 15.12
C PHE A 457 -12.60 24.58 16.60
N VAL A 458 -11.89 23.51 16.93
CA VAL A 458 -11.82 23.09 18.33
C VAL A 458 -11.16 24.18 19.15
N MET A 459 -10.20 24.88 18.55
CA MET A 459 -9.55 25.97 19.27
C MET A 459 -10.56 26.99 19.75
N ALA A 460 -11.42 27.44 18.85
CA ALA A 460 -12.41 28.44 19.21
C ALA A 460 -13.37 27.89 20.26
N SER A 461 -13.84 26.67 20.05
CA SER A 461 -14.74 26.07 21.03
C SER A 461 -14.14 26.19 22.42
N VAL A 462 -12.86 25.88 22.55
CA VAL A 462 -12.24 25.92 23.87
C VAL A 462 -12.17 27.34 24.38
N TRP A 463 -11.48 28.21 23.64
CA TRP A 463 -11.36 29.59 24.10
C TRP A 463 -12.67 30.07 24.67
N LEU A 464 -13.77 29.83 23.95
CA LEU A 464 -15.05 30.34 24.42
C LEU A 464 -15.51 29.55 25.63
N TYR A 465 -15.10 28.30 25.72
CA TYR A 465 -15.35 27.54 26.94
C TYR A 465 -14.69 28.22 28.13
N THR A 466 -13.74 29.12 27.84
CA THR A 466 -13.17 29.90 28.93
C THR A 466 -13.12 31.39 28.59
N GLY A 467 -13.39 31.75 27.34
CA GLY A 467 -13.16 33.10 26.91
C GLY A 467 -11.72 33.52 27.06
N SER A 468 -10.81 32.58 27.30
CA SER A 468 -9.38 32.83 27.41
C SER A 468 -8.69 32.13 26.24
N ALA A 469 -8.59 32.85 25.14
CA ALA A 469 -7.90 32.36 23.96
C ALA A 469 -6.39 32.55 24.04
N PHE A 470 -5.87 32.79 25.23
CA PHE A 470 -4.46 32.56 25.48
C PHE A 470 -4.18 31.06 25.54
N ILE A 471 -5.08 30.34 26.21
CA ILE A 471 -4.87 28.93 26.47
C ILE A 471 -5.09 28.13 25.21
N THR A 472 -5.90 28.67 24.30
CA THR A 472 -6.07 28.04 23.00
C THR A 472 -4.74 28.01 22.24
N LEU A 473 -4.00 29.12 22.29
CA LEU A 473 -2.67 29.13 21.70
C LEU A 473 -1.79 28.11 22.39
N MET A 474 -1.71 28.19 23.71
CA MET A 474 -0.97 27.19 24.45
C MET A 474 -1.25 25.79 23.92
N SER A 475 -2.52 25.45 23.79
CA SER A 475 -2.92 24.09 23.44
C SER A 475 -2.50 23.72 22.03
N CYS A 476 -2.87 24.55 21.04
CA CYS A 476 -2.59 24.20 19.66
C CYS A 476 -1.10 24.04 19.42
N VAL A 477 -0.30 24.93 20.01
CA VAL A 477 1.13 24.86 19.75
C VAL A 477 1.75 23.72 20.54
N ALA A 478 1.22 23.42 21.73
CA ALA A 478 1.63 22.19 22.41
C ALA A 478 1.39 21.00 21.52
N ILE A 479 0.27 21.02 20.81
CA ILE A 479 -0.08 19.94 19.92
C ILE A 479 0.98 19.76 18.85
N CYS A 480 1.18 20.80 18.04
CA CYS A 480 2.13 20.69 16.93
C CYS A 480 3.52 20.36 17.45
N PHE A 481 3.83 20.81 18.66
CA PHE A 481 5.16 20.55 19.20
C PHE A 481 5.32 19.09 19.60
N SER A 482 4.36 18.54 20.35
CA SER A 482 4.44 17.11 20.65
C SER A 482 4.54 16.33 19.36
N LEU A 483 3.88 16.82 18.31
CA LEU A 483 4.03 16.16 17.02
C LEU A 483 5.49 16.12 16.60
N GLY A 484 6.10 17.28 16.42
CA GLY A 484 7.48 17.29 15.95
C GLY A 484 8.39 16.52 16.88
N LEU A 485 8.06 16.52 18.16
CA LEU A 485 8.87 15.85 19.14
C LEU A 485 8.88 14.35 18.87
N ALA A 486 7.70 13.77 18.78
CA ALA A 486 7.64 12.35 18.49
C ALA A 486 8.21 12.08 17.11
N TYR A 487 8.19 13.07 16.22
CA TYR A 487 8.88 12.88 14.97
C TYR A 487 10.33 12.57 15.24
N PHE A 488 11.00 13.48 15.94
CA PHE A 488 12.42 13.30 16.20
C PHE A 488 12.66 11.97 16.88
N PHE A 489 11.71 11.55 17.71
CA PHE A 489 11.77 10.18 18.21
C PHE A 489 11.80 9.19 17.06
N TYR A 490 11.08 9.49 15.99
CA TYR A 490 10.91 8.53 14.92
C TYR A 490 12.12 8.50 13.99
N ALA A 491 12.35 9.60 13.30
CA ALA A 491 13.34 9.61 12.23
C ALA A 491 14.76 9.58 12.78
N ILE A 492 14.98 10.23 13.92
CA ILE A 492 16.33 10.57 14.34
C ILE A 492 16.82 9.67 15.45
N VAL A 493 15.92 9.26 16.33
CA VAL A 493 16.35 8.76 17.63
C VAL A 493 16.59 7.25 17.55
N LEU A 494 15.54 6.49 17.33
CA LEU A 494 15.74 5.17 16.77
C LEU A 494 16.06 5.27 15.30
N GLU A 495 16.16 6.49 14.78
CA GLU A 495 16.82 6.74 13.51
C GLU A 495 16.08 6.11 12.34
N PHE A 496 14.75 6.23 12.32
CA PHE A 496 13.99 5.46 11.35
C PHE A 496 13.78 6.24 10.07
N GLU A 497 13.41 5.54 9.00
CA GLU A 497 13.46 6.09 7.67
C GLU A 497 12.12 6.10 6.96
N PHE A 498 11.43 4.97 6.97
CA PHE A 498 10.29 4.73 6.10
C PHE A 498 9.04 5.17 6.83
N PHE A 499 8.43 6.24 6.36
CA PHE A 499 7.39 6.95 7.09
C PHE A 499 6.06 6.80 6.37
N PRO A 500 5.48 5.60 6.33
CA PRO A 500 4.24 5.39 5.58
C PRO A 500 3.19 6.43 5.94
N TYR A 501 2.69 7.06 4.88
CA TYR A 501 1.83 8.22 5.00
C TYR A 501 0.64 7.92 5.88
N MET A 502 0.13 6.70 5.78
CA MET A 502 -1.03 6.32 6.57
C MET A 502 -0.87 6.76 8.01
N ASN A 503 0.35 6.80 8.52
CA ASN A 503 0.58 7.32 9.86
C ASN A 503 0.07 8.74 9.99
N LEU A 504 -0.07 9.44 8.87
CA LEU A 504 -0.66 10.76 8.90
C LEU A 504 -1.86 10.79 9.81
N LEU A 505 -2.59 9.70 9.85
CA LEU A 505 -3.92 9.74 10.42
C LEU A 505 -3.86 9.99 11.91
N ALA A 506 -2.74 9.65 12.53
CA ALA A 506 -2.53 10.04 13.91
C ALA A 506 -3.00 11.44 14.16
N VAL A 507 -2.73 12.32 13.21
CA VAL A 507 -3.13 13.70 13.35
C VAL A 507 -4.60 13.78 13.63
N VAL A 508 -5.40 13.39 12.66
CA VAL A 508 -6.84 13.51 12.80
C VAL A 508 -7.32 12.50 13.82
N VAL A 509 -6.41 11.67 14.30
CA VAL A 509 -6.69 10.87 15.49
C VAL A 509 -6.49 11.71 16.74
N ILE A 510 -5.27 12.17 16.95
CA ILE A 510 -4.91 12.76 18.23
C ILE A 510 -5.78 13.96 18.51
N ILE A 511 -6.25 14.62 17.46
CA ILE A 511 -6.96 15.87 17.63
C ILE A 511 -8.16 15.69 18.54
N GLY A 512 -8.65 14.46 18.64
CA GLY A 512 -9.87 14.26 19.41
C GLY A 512 -9.57 13.96 20.86
N ILE A 513 -8.32 13.58 21.15
CA ILE A 513 -7.95 13.19 22.50
C ILE A 513 -7.41 14.36 23.30
N GLY A 514 -6.67 15.28 22.67
CA GLY A 514 -5.94 16.28 23.42
C GLY A 514 -6.83 17.28 24.11
N ALA A 515 -8.11 17.26 23.80
CA ALA A 515 -9.01 18.32 24.22
C ALA A 515 -9.86 17.96 25.44
N ASP A 516 -9.62 16.81 26.06
CA ASP A 516 -10.56 16.29 27.05
C ASP A 516 -10.17 16.74 28.45
N ASP A 517 -8.94 16.44 28.86
CA ASP A 517 -8.43 16.94 30.13
C ASP A 517 -8.75 18.40 30.31
N VAL A 518 -8.91 19.12 29.20
CA VAL A 518 -9.20 20.53 29.21
C VAL A 518 -10.40 20.84 30.09
N PHE A 519 -11.55 20.34 29.66
CA PHE A 519 -12.80 20.68 30.30
C PHE A 519 -12.92 19.85 31.55
N LEU A 520 -12.25 18.69 31.57
CA LEU A 520 -12.07 17.98 32.82
C LEU A 520 -11.50 18.90 33.89
N PHE A 521 -10.61 19.79 33.51
CA PHE A 521 -9.81 20.53 34.48
C PHE A 521 -10.51 21.82 34.88
N LEU A 522 -10.85 22.63 33.88
CA LEU A 522 -11.52 23.90 34.13
C LEU A 522 -12.65 23.77 35.12
N LYS A 523 -13.38 22.66 35.07
CA LYS A 523 -14.55 22.53 35.89
C LYS A 523 -14.16 22.44 37.34
N ILE A 524 -13.15 21.61 37.60
CA ILE A 524 -12.64 21.47 38.96
C ILE A 524 -12.16 22.82 39.44
N TRP A 525 -11.56 23.56 38.53
CA TRP A 525 -11.05 24.87 38.88
C TRP A 525 -12.17 25.76 39.36
N HIS A 526 -13.18 25.93 38.52
CA HIS A 526 -14.30 26.81 38.85
C HIS A 526 -14.97 26.37 40.13
N CYS A 527 -15.21 25.07 40.27
CA CYS A 527 -15.89 24.58 41.46
C CYS A 527 -15.08 24.87 42.70
N VAL A 528 -13.86 24.34 42.77
CA VAL A 528 -13.04 24.53 43.97
C VAL A 528 -12.90 26.01 44.27
N LEU A 529 -12.92 26.86 43.25
CA LEU A 529 -13.08 28.28 43.51
C LEU A 529 -14.38 28.56 44.24
N THR A 530 -15.46 27.91 43.82
CA THR A 530 -16.73 28.09 44.51
C THR A 530 -16.68 27.49 45.91
N GLU A 531 -15.61 26.80 46.26
CA GLU A 531 -15.39 26.32 47.61
C GLU A 531 -14.02 26.76 48.12
N SER A 558 -1.60 29.00 49.85
CA SER A 558 -2.50 29.82 49.04
C SER A 558 -2.99 29.01 47.84
N LEU A 559 -2.46 29.35 46.66
CA LEU A 559 -2.84 28.66 45.44
C LEU A 559 -2.25 27.27 45.36
N GLU A 560 -1.07 27.10 45.93
CA GLU A 560 -0.33 25.86 45.76
C GLU A 560 -1.18 24.65 46.14
N ASN A 561 -1.79 24.69 47.32
CA ASN A 561 -2.54 23.53 47.79
C ASN A 561 -3.79 23.30 46.95
N ILE A 562 -4.44 24.38 46.53
CA ILE A 562 -5.65 24.24 45.71
C ILE A 562 -5.31 23.48 44.44
N MET A 563 -4.25 23.93 43.76
CA MET A 563 -3.73 23.22 42.61
C MET A 563 -3.48 21.76 42.94
N ALA A 564 -2.73 21.52 44.01
CA ALA A 564 -2.34 20.16 44.36
C ALA A 564 -3.56 19.25 44.46
N LEU A 565 -4.61 19.73 45.10
CA LEU A 565 -5.82 18.93 45.23
C LEU A 565 -6.43 18.63 43.87
N THR A 566 -6.85 19.68 43.18
CA THR A 566 -7.55 19.44 41.92
C THR A 566 -6.74 18.54 41.02
N MET A 567 -5.42 18.55 41.21
CA MET A 567 -4.59 17.69 40.38
C MET A 567 -4.61 16.25 40.88
N ARG A 568 -4.65 16.07 42.20
CA ARG A 568 -4.87 14.73 42.75
C ARG A 568 -6.17 14.17 42.22
N HIS A 569 -7.03 15.04 41.74
CA HIS A 569 -8.36 14.63 41.34
C HIS A 569 -8.45 14.41 39.84
N ALA A 570 -7.58 15.03 39.06
CA ALA A 570 -7.50 14.77 37.63
C ALA A 570 -6.59 13.59 37.26
N ALA A 571 -5.61 13.29 38.11
CA ALA A 571 -4.56 12.31 37.77
C ALA A 571 -5.11 11.09 37.07
N ALA A 572 -5.96 10.33 37.76
CA ALA A 572 -6.43 9.06 37.23
C ALA A 572 -7.07 9.26 35.87
N SER A 573 -7.97 10.23 35.77
CA SER A 573 -8.65 10.46 34.50
C SER A 573 -7.66 10.54 33.36
N MET A 574 -6.79 11.56 33.40
CA MET A 574 -5.99 11.83 32.21
C MET A 574 -5.03 10.69 31.96
N PHE A 575 -4.32 10.28 33.02
CA PHE A 575 -3.39 9.17 32.91
C PHE A 575 -4.04 7.98 32.22
N VAL A 576 -5.09 7.44 32.83
CA VAL A 576 -5.67 6.18 32.35
C VAL A 576 -6.13 6.32 30.90
N THR A 577 -6.76 7.46 30.58
CA THR A 577 -7.24 7.64 29.23
C THR A 577 -6.11 7.48 28.23
N SER A 578 -5.12 8.37 28.32
CA SER A 578 -4.03 8.30 27.36
C SER A 578 -3.40 6.93 27.36
N LEU A 579 -3.41 6.27 28.52
CA LEU A 579 -2.68 5.03 28.64
C LEU A 579 -3.34 3.95 27.79
N THR A 580 -4.64 3.78 27.93
CA THR A 580 -5.32 2.77 27.12
C THR A 580 -5.11 3.08 25.64
N THR A 581 -5.28 4.36 25.28
CA THR A 581 -5.18 4.71 23.87
C THR A 581 -3.83 4.28 23.29
N ALA A 582 -2.76 4.86 23.83
CA ALA A 582 -1.45 4.54 23.29
C ALA A 582 -1.11 3.08 23.50
N GLY A 583 -1.76 2.41 24.44
CA GLY A 583 -1.51 1.00 24.61
C GLY A 583 -1.97 0.24 23.39
N ALA A 584 -3.16 0.55 22.93
CA ALA A 584 -3.65 -0.04 21.70
C ALA A 584 -2.69 0.26 20.56
N PHE A 585 -2.37 1.54 20.40
CA PHE A 585 -1.53 1.91 19.28
C PHE A 585 -0.21 1.17 19.30
N TYR A 586 0.53 1.29 20.39
CA TYR A 586 1.75 0.51 20.56
C TYR A 586 1.57 -0.94 20.17
N ALA A 587 0.67 -1.66 20.86
CA ALA A 587 0.58 -3.09 20.63
C ALA A 587 0.17 -3.38 19.19
N SER A 588 -0.21 -2.35 18.42
CA SER A 588 -0.30 -2.51 16.99
C SER A 588 0.94 -3.19 16.43
N TYR A 589 2.06 -3.06 17.14
CA TYR A 589 3.36 -3.51 16.70
C TYR A 589 3.49 -5.03 16.63
N SER A 590 2.58 -5.79 17.25
CA SER A 590 2.73 -7.24 17.20
C SER A 590 2.28 -7.80 15.87
N SER A 591 1.91 -6.94 14.94
CA SER A 591 1.40 -7.38 13.67
C SER A 591 2.46 -8.13 12.88
N SER A 592 2.03 -8.68 11.75
CA SER A 592 2.92 -9.28 10.79
C SER A 592 3.28 -8.32 9.68
N ILE A 593 3.13 -7.02 9.92
CA ILE A 593 3.12 -6.07 8.81
C ILE A 593 3.98 -4.85 9.07
N THR A 594 4.28 -4.14 7.99
CA THR A 594 5.20 -3.01 8.03
C THR A 594 4.52 -1.74 8.50
N ALA A 595 3.63 -1.21 7.68
CA ALA A 595 3.07 0.10 7.97
C ALA A 595 2.29 0.04 9.26
N ILE A 596 1.90 -1.17 9.66
CA ILE A 596 1.19 -1.32 10.91
C ILE A 596 2.07 -0.98 12.09
N LYS A 597 3.24 -1.60 12.17
CA LYS A 597 4.15 -1.27 13.25
C LYS A 597 4.52 0.18 13.18
N CYS A 598 4.78 0.66 11.96
CA CYS A 598 5.00 2.09 11.78
C CYS A 598 3.95 2.88 12.52
N PHE A 599 2.70 2.62 12.17
CA PHE A 599 1.57 3.35 12.67
C PHE A 599 1.51 3.29 14.18
N GLY A 600 1.45 2.09 14.74
CA GLY A 600 1.29 1.95 16.19
C GLY A 600 2.39 2.63 16.96
N ILE A 601 3.62 2.49 16.48
CA ILE A 601 4.77 3.05 17.18
C ILE A 601 4.68 4.56 17.21
N PHE A 602 4.67 5.13 16.01
CA PHE A 602 4.45 6.55 15.87
C PHE A 602 3.40 7.03 16.85
N ALA A 603 2.25 6.40 16.80
CA ALA A 603 1.13 6.85 17.60
C ALA A 603 1.50 6.86 19.06
N GLY A 604 1.75 5.68 19.62
CA GLY A 604 2.06 5.59 21.02
C GLY A 604 2.93 6.73 21.49
N THR A 605 3.98 7.02 20.72
CA THR A 605 4.81 8.16 21.08
C THR A 605 3.99 9.43 21.12
N VAL A 606 3.25 9.71 20.05
CA VAL A 606 2.59 10.99 19.92
C VAL A 606 1.66 11.19 21.11
N VAL A 607 0.92 10.14 21.42
CA VAL A 607 0.04 10.13 22.56
C VAL A 607 0.77 10.51 23.82
N VAL A 608 1.76 9.69 24.18
CA VAL A 608 2.39 9.87 25.47
C VAL A 608 2.98 11.27 25.57
N THR A 609 3.38 11.81 24.43
CA THR A 609 3.82 13.19 24.39
C THR A 609 2.73 14.08 24.91
N ASN A 610 1.63 14.16 24.18
CA ASN A 610 0.57 15.07 24.59
C ASN A 610 0.25 14.90 26.07
N TYR A 611 0.36 13.66 26.56
CA TYR A 611 0.12 13.42 27.98
C TYR A 611 1.01 14.30 28.83
N LEU A 612 2.33 14.11 28.72
CA LEU A 612 3.25 14.89 29.55
C LEU A 612 3.11 16.37 29.26
N LEU A 613 2.93 16.69 27.99
CA LEU A 613 2.68 18.07 27.59
C LEU A 613 1.70 18.74 28.53
N MET A 614 0.47 18.26 28.55
CA MET A 614 -0.52 18.90 29.41
C MET A 614 -0.03 18.87 30.84
N ILE A 615 0.29 17.66 31.34
CA ILE A 615 0.59 17.47 32.75
C ILE A 615 1.40 18.64 33.26
N THR A 616 2.43 19.02 32.51
CA THR A 616 3.43 19.91 33.10
C THR A 616 3.38 21.29 32.49
N TRP A 617 3.35 21.36 31.17
CA TRP A 617 3.24 22.63 30.48
C TRP A 617 2.10 23.46 30.97
N LEU A 618 1.01 22.83 31.36
CA LEU A 618 -0.30 23.43 31.38
C LEU A 618 -0.67 24.13 32.67
N PRO A 619 -0.37 23.52 33.82
CA PRO A 619 -0.71 24.17 35.09
C PRO A 619 -0.14 25.55 35.15
N ALA A 620 0.98 25.75 34.48
CA ALA A 620 1.49 27.09 34.28
C ALA A 620 0.49 27.92 33.50
N SER A 621 -0.08 27.35 32.44
CA SER A 621 -1.15 28.05 31.74
C SER A 621 -2.13 28.63 32.74
N VAL A 622 -2.58 27.79 33.66
CA VAL A 622 -3.56 28.21 34.65
C VAL A 622 -3.02 29.34 35.50
N SER A 623 -1.93 29.05 36.21
CA SER A 623 -1.37 29.99 37.16
C SER A 623 -1.25 31.36 36.54
N ILE A 624 -0.84 31.41 35.30
CA ILE A 624 -0.44 32.69 34.73
C ILE A 624 -1.65 33.42 34.20
N MET A 625 -2.54 32.68 33.51
CA MET A 625 -3.82 33.26 33.17
C MET A 625 -4.39 33.96 34.38
N GLU A 626 -4.16 33.39 35.56
CA GLU A 626 -4.57 34.08 36.78
C GLU A 626 -3.71 35.31 37.04
N ARG A 627 -2.40 35.10 37.20
CA ARG A 627 -1.54 36.17 37.70
C ARG A 627 -1.62 37.39 36.82
N LEU A 628 -2.23 37.25 35.65
CA LEU A 628 -2.80 38.43 35.00
C LEU A 628 -3.59 39.25 35.99
N PHE A 629 -4.16 38.60 36.97
CA PHE A 629 -5.30 39.10 37.69
C PHE A 629 -5.00 39.21 39.17
N LYS A 648 -24.19 35.22 26.37
CA LYS A 648 -23.13 34.87 27.32
C LYS A 648 -23.74 34.26 28.57
N LYS A 649 -24.30 35.12 29.42
CA LYS A 649 -25.16 34.65 30.49
C LYS A 649 -26.08 33.56 29.97
N SER A 650 -26.57 33.76 28.75
CA SER A 650 -27.33 32.75 28.04
C SER A 650 -26.74 31.38 28.24
N ILE A 651 -25.42 31.30 28.31
CA ILE A 651 -24.76 30.01 28.19
C ILE A 651 -24.83 29.24 29.50
N ASN A 652 -24.57 29.93 30.61
CA ASN A 652 -24.75 29.29 31.90
C ASN A 652 -26.21 28.94 32.10
N ARG A 653 -27.10 29.85 31.73
CA ARG A 653 -28.51 29.53 31.70
C ARG A 653 -28.74 28.22 30.95
N PHE A 654 -28.11 28.09 29.78
CA PHE A 654 -28.35 26.97 28.90
C PHE A 654 -27.86 25.68 29.51
N CYS A 655 -26.66 25.70 30.06
CA CYS A 655 -26.04 24.50 30.57
C CYS A 655 -26.72 24.06 31.86
N GLN A 656 -27.10 25.02 32.68
CA GLN A 656 -28.02 24.75 33.78
C GLN A 656 -29.22 23.96 33.28
N MET A 657 -29.97 24.55 32.34
CA MET A 657 -31.15 23.88 31.80
C MET A 657 -30.80 22.51 31.27
N PHE A 658 -29.61 22.38 30.70
CA PHE A 658 -29.17 21.12 30.10
C PHE A 658 -29.10 20.03 31.14
N GLU A 659 -28.22 20.21 32.11
CA GLU A 659 -28.13 19.24 33.18
C GLU A 659 -29.50 18.96 33.77
N GLU A 660 -30.33 20.00 33.88
CA GLU A 660 -31.62 19.84 34.54
C GLU A 660 -32.52 18.89 33.76
N CYS A 661 -32.82 19.25 32.51
CA CYS A 661 -33.75 18.45 31.72
C CYS A 661 -33.23 17.04 31.57
N ILE A 662 -31.91 16.89 31.49
CA ILE A 662 -31.36 15.56 31.37
C ILE A 662 -31.63 14.76 32.62
N THR A 663 -31.16 15.29 33.75
CA THR A 663 -31.39 14.66 35.04
C THR A 663 -32.83 14.20 35.17
N LYS A 664 -33.77 15.03 34.74
CA LYS A 664 -35.17 14.62 34.83
C LYS A 664 -35.47 13.47 33.89
N SER A 665 -35.23 13.68 32.59
CA SER A 665 -35.47 12.63 31.61
C SER A 665 -34.93 11.30 32.11
N ILE A 666 -33.95 11.35 32.99
CA ILE A 666 -33.49 10.17 33.68
C ILE A 666 -34.45 9.77 34.77
N MET A 667 -34.57 10.64 35.76
CA MET A 667 -35.21 10.32 37.02
C MET A 667 -36.64 9.83 36.82
N ASN A 668 -37.25 10.19 35.69
CA ASN A 668 -38.65 9.87 35.48
C ASN A 668 -38.84 8.56 34.72
N TYR A 669 -37.93 8.27 33.79
CA TYR A 669 -38.06 7.14 32.87
C TYR A 669 -36.90 6.19 33.15
N ALA A 670 -37.23 4.97 33.55
CA ALA A 670 -36.29 4.07 34.20
C ALA A 670 -35.74 2.98 33.29
N TYR A 671 -36.60 2.14 32.73
CA TYR A 671 -36.13 0.98 31.99
C TYR A 671 -36.35 1.13 30.50
N LEU A 672 -36.98 2.24 30.11
CA LEU A 672 -37.23 2.51 28.71
C LEU A 672 -35.96 2.32 27.90
N TRP A 673 -35.00 3.20 28.16
CA TRP A 673 -33.74 3.20 27.45
C TRP A 673 -33.05 1.86 27.62
N LEU A 674 -33.16 1.29 28.82
CA LEU A 674 -32.48 0.04 29.11
C LEU A 674 -32.86 -1.03 28.13
N LEU A 675 -34.15 -1.36 28.08
CA LEU A 675 -34.59 -2.45 27.23
C LEU A 675 -34.34 -2.13 25.77
N ILE A 676 -34.55 -0.87 25.39
CA ILE A 676 -34.29 -0.46 24.03
C ILE A 676 -32.86 -0.83 23.64
N PHE A 677 -31.92 -0.44 24.49
CA PHE A 677 -30.52 -0.66 24.21
C PHE A 677 -30.20 -2.15 24.14
N GLY A 678 -30.64 -2.93 25.14
CA GLY A 678 -30.34 -4.35 25.10
C GLY A 678 -30.82 -4.98 23.82
N ALA A 679 -32.03 -4.59 23.40
CA ALA A 679 -32.56 -5.04 22.13
C ALA A 679 -31.57 -4.80 21.02
N LEU A 680 -31.23 -3.53 20.78
CA LEU A 680 -30.39 -3.22 19.62
C LEU A 680 -29.02 -3.86 19.76
N GLY A 681 -28.60 -4.13 20.99
CA GLY A 681 -27.30 -4.75 21.18
C GLY A 681 -27.27 -6.15 20.62
N ALA A 682 -28.11 -7.04 21.16
CA ALA A 682 -28.16 -8.38 20.59
C ALA A 682 -28.53 -8.31 19.10
N SER A 683 -29.21 -7.23 18.70
CA SER A 683 -29.53 -7.06 17.30
C SER A 683 -28.27 -7.03 16.47
N SER A 684 -27.41 -6.04 16.70
CA SER A 684 -26.18 -5.97 15.92
C SER A 684 -25.36 -7.22 16.11
N ALA A 685 -25.53 -7.92 17.23
CA ALA A 685 -24.84 -9.18 17.42
C ALA A 685 -25.17 -10.15 16.28
N VAL A 686 -26.45 -10.51 16.18
CA VAL A 686 -26.87 -11.39 15.10
C VAL A 686 -26.53 -10.75 13.76
N ILE A 687 -26.59 -9.42 13.69
CA ILE A 687 -26.26 -8.76 12.43
C ILE A 687 -24.90 -9.21 11.96
N VAL A 688 -23.90 -9.06 12.81
CA VAL A 688 -22.55 -9.26 12.33
C VAL A 688 -22.24 -10.73 12.16
N PHE A 689 -22.64 -11.58 13.08
CA PHE A 689 -21.96 -12.85 13.20
C PHE A 689 -22.56 -13.94 12.32
N TRP A 690 -23.88 -14.11 12.34
CA TRP A 690 -24.41 -15.29 11.69
C TRP A 690 -24.52 -15.15 10.18
N TYR A 691 -25.42 -14.31 9.73
CA TYR A 691 -25.73 -14.38 8.31
C TYR A 691 -24.72 -13.64 7.45
N PRO A 692 -24.61 -12.33 7.60
CA PRO A 692 -23.82 -11.51 6.66
C PRO A 692 -22.37 -11.34 7.11
N GLY A 693 -21.67 -12.46 7.22
CA GLY A 693 -20.30 -12.44 7.67
C GLY A 693 -19.48 -11.42 6.89
N LEU A 694 -18.39 -10.99 7.53
CA LEU A 694 -17.47 -10.06 6.89
C LEU A 694 -16.69 -10.85 5.85
N GLN A 695 -17.26 -10.93 4.66
CA GLN A 695 -16.60 -11.64 3.58
C GLN A 695 -15.62 -10.73 2.88
N LEU A 696 -14.56 -11.34 2.38
CA LEU A 696 -13.40 -10.58 2.00
C LEU A 696 -13.45 -10.21 0.52
N PRO A 697 -12.53 -9.36 0.06
CA PRO A 697 -12.49 -8.97 -1.35
C PRO A 697 -11.58 -9.87 -2.16
N GLU A 698 -11.84 -9.93 -3.47
CA GLU A 698 -11.05 -10.75 -4.38
C GLU A 698 -10.76 -10.07 -5.69
N LYS A 699 -10.83 -8.75 -5.76
CA LYS A 699 -10.69 -8.01 -6.99
C LYS A 699 -9.64 -6.94 -6.79
N SER A 700 -8.63 -7.31 -6.02
CA SER A 700 -8.08 -6.38 -5.06
C SER A 700 -7.94 -4.98 -5.60
N HIS A 701 -6.94 -4.76 -6.44
CA HIS A 701 -6.72 -3.45 -7.02
C HIS A 701 -6.49 -2.37 -5.94
N PHE A 702 -6.69 -2.74 -4.67
CA PHE A 702 -6.60 -1.83 -3.53
C PHE A 702 -7.09 -0.43 -3.86
N GLN A 703 -8.38 -0.36 -4.22
CA GLN A 703 -8.96 0.90 -4.68
C GLN A 703 -8.54 2.03 -3.76
N LEU A 704 -8.53 3.22 -4.33
CA LEU A 704 -8.04 4.41 -3.67
C LEU A 704 -9.13 5.42 -3.34
N PHE A 705 -9.83 5.87 -4.37
CA PHE A 705 -10.61 7.08 -4.20
C PHE A 705 -12.03 6.73 -3.80
N VAL A 706 -12.90 7.73 -3.95
CA VAL A 706 -14.31 7.45 -4.07
C VAL A 706 -14.46 6.28 -5.03
N SER A 707 -15.20 5.26 -4.59
CA SER A 707 -15.49 4.12 -5.45
C SER A 707 -16.04 4.60 -6.79
N LYS A 708 -16.57 5.82 -6.84
CA LYS A 708 -16.88 6.50 -8.09
C LYS A 708 -15.72 7.39 -8.51
N HIS A 709 -14.90 6.87 -9.41
CA HIS A 709 -13.89 7.67 -10.06
C HIS A 709 -13.63 7.16 -11.46
N PRO A 710 -13.52 8.04 -12.46
CA PRO A 710 -13.21 7.57 -13.81
C PRO A 710 -12.08 6.57 -13.82
N PHE A 711 -11.01 6.87 -13.11
CA PHE A 711 -9.97 5.86 -12.94
C PHE A 711 -10.59 4.59 -12.41
N GLU A 712 -11.55 4.72 -11.52
CA GLU A 712 -12.19 3.57 -10.91
C GLU A 712 -13.39 3.11 -11.70
N VAL A 713 -14.02 3.99 -12.47
CA VAL A 713 -14.92 3.52 -13.51
C VAL A 713 -14.22 2.43 -14.30
N TYR A 714 -13.02 2.72 -14.75
CA TYR A 714 -12.27 1.76 -15.53
C TYR A 714 -11.92 0.53 -14.70
N SER A 715 -12.17 0.59 -13.38
CA SER A 715 -11.77 -0.52 -12.51
C SER A 715 -12.51 -1.80 -12.86
N SER A 716 -13.71 -1.68 -13.42
CA SER A 716 -14.58 -2.84 -13.58
C SER A 716 -14.57 -3.37 -15.01
N LEU A 717 -14.18 -2.53 -15.95
CA LEU A 717 -14.53 -2.70 -17.36
C LEU A 717 -13.66 -3.69 -18.09
N LYS A 718 -12.53 -4.09 -17.49
CA LYS A 718 -11.45 -4.61 -18.32
C LYS A 718 -11.81 -5.95 -18.96
N GLN A 719 -12.00 -6.98 -18.13
CA GLN A 719 -12.09 -8.34 -18.69
C GLN A 719 -13.33 -8.53 -19.55
N GLN A 720 -14.22 -7.54 -19.59
CA GLN A 720 -15.30 -7.56 -20.56
C GLN A 720 -14.74 -7.58 -21.98
N PHE A 721 -13.52 -7.12 -22.14
CA PHE A 721 -12.93 -6.85 -23.43
C PHE A 721 -11.90 -7.92 -23.79
N TRP A 722 -11.15 -7.66 -24.85
CA TRP A 722 -10.28 -8.67 -25.41
C TRP A 722 -8.88 -8.62 -24.84
N PHE A 723 -8.26 -7.45 -24.86
CA PHE A 723 -6.85 -7.34 -24.52
C PHE A 723 -6.66 -7.41 -23.02
N GLU A 724 -7.23 -8.44 -22.42
CA GLU A 724 -7.46 -8.46 -20.99
C GLU A 724 -7.05 -9.76 -20.33
N LYS A 725 -6.71 -10.79 -21.10
CA LYS A 725 -6.69 -12.14 -20.55
C LYS A 725 -5.27 -12.60 -20.25
N PRO A 726 -5.05 -13.30 -19.14
CA PRO A 726 -3.83 -14.07 -18.90
C PRO A 726 -3.84 -15.37 -19.69
N TYR A 731 -7.15 -21.36 -21.27
CA TYR A 731 -7.07 -19.94 -21.59
C TYR A 731 -6.47 -19.14 -20.44
N ASN A 732 -7.02 -19.28 -19.24
CA ASN A 732 -6.47 -18.57 -18.10
C ASN A 732 -5.11 -19.17 -17.72
N PHE A 733 -4.26 -18.32 -17.15
CA PHE A 733 -2.94 -18.79 -16.72
C PHE A 733 -3.14 -19.76 -15.58
N LYS A 734 -3.00 -21.05 -15.89
CA LYS A 734 -3.20 -22.07 -14.88
C LYS A 734 -2.14 -21.95 -13.81
N MET A 735 -2.50 -22.35 -12.59
CA MET A 735 -1.53 -22.27 -11.51
C MET A 735 -0.33 -23.11 -11.88
N HIS A 736 0.79 -22.41 -12.03
CA HIS A 736 2.04 -23.03 -12.44
C HIS A 736 2.92 -23.07 -11.21
N MET A 737 2.90 -24.19 -10.51
CA MET A 737 3.66 -24.36 -9.29
C MET A 737 5.08 -24.83 -9.58
N HIS A 738 5.98 -24.51 -8.65
CA HIS A 738 7.38 -24.83 -8.78
C HIS A 738 7.91 -25.31 -7.44
N PHE A 739 8.92 -26.17 -7.48
CA PHE A 739 9.53 -26.73 -6.29
C PHE A 739 11.04 -26.63 -6.37
N VAL A 740 11.69 -26.54 -5.22
CA VAL A 740 13.13 -26.28 -5.13
C VAL A 740 13.74 -27.15 -4.05
N TRP A 741 15.06 -27.32 -4.10
CA TRP A 741 15.81 -27.90 -2.98
C TRP A 741 17.04 -27.13 -2.52
N GLY A 742 17.97 -26.82 -3.43
CA GLY A 742 19.36 -26.70 -3.02
C GLY A 742 19.73 -25.39 -2.37
N VAL A 743 18.75 -24.53 -2.07
CA VAL A 743 19.01 -23.31 -1.34
C VAL A 743 18.32 -23.39 0.00
N GLN A 744 18.83 -22.61 0.95
CA GLN A 744 18.10 -22.37 2.19
C GLN A 744 16.88 -21.51 1.92
N ALA A 745 16.16 -21.17 2.98
CA ALA A 745 14.92 -20.41 2.86
C ALA A 745 14.67 -19.59 4.12
N VAL A 746 15.09 -18.33 4.07
CA VAL A 746 14.83 -17.36 5.13
C VAL A 746 14.72 -15.98 4.51
N ASP A 747 14.45 -14.97 5.33
CA ASP A 747 14.55 -13.57 4.95
C ASP A 747 15.14 -12.79 6.14
N ASP A 748 16.43 -12.48 6.05
CA ASP A 748 17.05 -11.59 7.05
C ASP A 748 17.03 -10.15 6.53
N GLY A 749 15.85 -9.73 6.10
CA GLY A 749 15.60 -8.35 5.78
C GLY A 749 15.25 -7.59 7.05
N ASP A 750 15.57 -6.30 7.05
CA ASP A 750 15.26 -5.43 8.16
C ASP A 750 13.75 -5.17 8.17
N TYR A 751 13.07 -5.70 9.18
CA TYR A 751 11.61 -5.84 9.18
C TYR A 751 10.88 -4.51 9.05
N THR A 752 11.58 -3.39 8.91
CA THR A 752 10.90 -2.10 8.86
C THR A 752 10.86 -1.52 7.46
N ASN A 753 11.98 -1.23 6.91
CA ASN A 753 11.83 -0.67 5.59
C ASN A 753 11.51 -1.77 4.61
N PRO A 754 10.69 -1.48 3.61
CA PRO A 754 10.38 -2.48 2.58
C PRO A 754 11.49 -2.67 1.55
N ASN A 755 12.67 -2.10 1.77
CA ASN A 755 13.80 -2.25 0.87
C ASN A 755 14.97 -2.98 1.52
N SER A 756 14.69 -3.80 2.53
CA SER A 756 15.71 -4.58 3.24
C SER A 756 15.24 -6.03 3.32
N TYR A 757 16.01 -6.91 2.66
CA TYR A 757 15.65 -8.31 2.57
C TYR A 757 16.78 -9.23 2.97
N GLY A 758 18.02 -8.82 2.80
CA GLY A 758 19.16 -9.59 3.23
C GLY A 758 19.91 -10.25 2.09
N HIS A 759 20.32 -11.49 2.35
CA HIS A 759 21.20 -12.25 1.48
C HIS A 759 20.77 -13.71 1.55
N LEU A 760 20.68 -14.37 0.40
CA LEU A 760 20.17 -15.73 0.37
C LEU A 760 21.29 -16.75 0.55
N HIS A 761 20.99 -17.81 1.29
CA HIS A 761 21.95 -18.85 1.63
C HIS A 761 21.76 -20.06 0.73
N TYR A 762 22.37 -21.17 1.12
CA TYR A 762 22.39 -22.37 0.30
C TYR A 762 22.19 -23.60 1.16
N ASP A 763 21.16 -24.39 0.83
CA ASP A 763 20.90 -25.65 1.51
C ASP A 763 21.81 -26.73 0.94
N ASN A 764 22.72 -27.25 1.78
CA ASN A 764 23.76 -28.17 1.32
C ASN A 764 23.76 -29.51 2.03
N ASN A 765 22.59 -30.01 2.45
CA ASN A 765 22.39 -31.44 2.67
C ASN A 765 21.92 -32.12 1.40
N PHE A 766 22.32 -31.57 0.27
CA PHE A 766 21.65 -31.77 -1.00
C PHE A 766 22.69 -32.18 -2.02
N ASN A 767 23.00 -33.48 -2.07
CA ASN A 767 24.00 -34.00 -3.00
C ASN A 767 23.31 -34.07 -4.35
N VAL A 768 23.92 -33.43 -5.34
CA VAL A 768 23.29 -33.31 -6.64
C VAL A 768 23.48 -34.59 -7.44
N SER A 769 24.08 -35.62 -6.84
CA SER A 769 24.51 -36.79 -7.60
C SER A 769 24.02 -38.13 -7.07
N SER A 770 24.00 -38.35 -5.75
CA SER A 770 23.90 -39.70 -5.21
C SER A 770 22.73 -40.46 -5.81
N ARG A 771 23.01 -41.69 -6.27
CA ARG A 771 21.97 -42.48 -6.92
C ARG A 771 20.72 -42.58 -6.07
N PRO A 772 20.72 -43.25 -4.91
CA PRO A 772 19.45 -43.39 -4.17
C PRO A 772 18.64 -42.13 -4.22
N ALA A 773 19.33 -41.00 -4.12
CA ALA A 773 18.66 -39.73 -4.31
C ALA A 773 18.22 -39.54 -5.74
N GLN A 774 19.07 -39.86 -6.73
CA GLN A 774 18.67 -39.79 -8.13
C GLN A 774 17.39 -40.57 -8.36
N LEU A 775 17.32 -41.73 -7.73
CA LEU A 775 16.28 -42.68 -8.02
C LEU A 775 14.99 -42.25 -7.35
N TRP A 776 15.12 -41.56 -6.20
CA TRP A 776 13.96 -40.85 -5.69
C TRP A 776 13.55 -39.71 -6.62
N ILE A 777 14.53 -39.02 -7.22
CA ILE A 777 14.19 -38.04 -8.25
C ILE A 777 13.20 -38.65 -9.21
N LEU A 778 13.55 -39.82 -9.70
CA LEU A 778 12.85 -40.33 -10.87
C LEU A 778 11.53 -40.94 -10.46
N ASP A 779 11.45 -41.51 -9.24
CA ASP A 779 10.15 -41.97 -8.73
C ASP A 779 9.27 -40.79 -8.37
N PHE A 780 9.87 -39.66 -8.04
CA PHE A 780 9.16 -38.42 -7.79
C PHE A 780 8.49 -37.92 -9.06
N CYS A 781 9.30 -37.71 -10.10
CA CYS A 781 8.78 -37.43 -11.43
C CYS A 781 7.68 -38.41 -11.79
N GLN A 782 7.93 -39.71 -11.59
CA GLN A 782 6.87 -40.69 -11.71
C GLN A 782 5.62 -40.23 -10.96
N SER A 783 5.79 -39.82 -9.72
CA SER A 783 4.67 -39.64 -8.82
C SER A 783 3.74 -38.54 -9.29
N VAL A 784 4.26 -37.46 -9.88
CA VAL A 784 3.31 -36.42 -10.30
C VAL A 784 2.57 -36.81 -11.56
N ARG A 785 3.15 -37.69 -12.36
CA ARG A 785 2.46 -38.07 -13.58
C ARG A 785 1.14 -38.76 -13.25
N GLN A 786 0.86 -38.97 -11.97
CA GLN A 786 -0.28 -39.76 -11.58
C GLN A 786 -1.45 -38.88 -11.13
N GLN A 787 -1.27 -37.57 -11.13
CA GLN A 787 -2.25 -36.74 -10.47
C GLN A 787 -3.21 -36.11 -11.47
N PRO A 788 -4.42 -35.79 -11.03
CA PRO A 788 -5.32 -35.00 -11.88
C PRO A 788 -4.96 -33.53 -11.87
N PHE A 789 -4.55 -32.99 -10.72
CA PHE A 789 -4.10 -31.61 -10.66
C PHE A 789 -2.70 -31.49 -11.18
N TYR A 790 -1.94 -32.57 -11.18
CA TYR A 790 -0.93 -32.73 -12.21
C TYR A 790 -1.57 -32.39 -13.54
N LYS A 791 -1.07 -31.32 -14.14
CA LYS A 791 -1.73 -30.71 -15.26
C LYS A 791 -0.70 -30.54 -16.36
N GLU A 792 -0.98 -31.17 -17.49
CA GLU A 792 0.03 -31.38 -18.51
C GLU A 792 -0.51 -31.23 -19.92
N LEU A 798 12.37 -28.68 -23.84
CA LEU A 798 11.45 -29.16 -22.81
C LEU A 798 12.25 -29.58 -21.57
N PRO A 799 12.45 -28.64 -20.64
CA PRO A 799 13.34 -28.92 -19.49
C PRO A 799 12.70 -29.67 -18.35
N ASN A 800 11.40 -29.93 -18.44
CA ASN A 800 10.71 -30.61 -17.35
C ASN A 800 11.31 -31.98 -17.11
N CYS A 801 11.43 -32.34 -15.84
CA CYS A 801 12.04 -33.59 -15.42
C CYS A 801 13.28 -33.86 -16.26
N PHE A 802 14.21 -32.93 -16.13
CA PHE A 802 15.50 -32.94 -16.82
C PHE A 802 16.03 -34.34 -17.10
N ILE A 803 15.93 -35.24 -16.12
CA ILE A 803 16.48 -36.59 -16.27
C ILE A 803 16.16 -37.21 -17.63
N GLU A 804 15.05 -36.83 -18.24
CA GLU A 804 14.67 -37.49 -19.47
C GLU A 804 15.57 -37.08 -20.62
N ASN A 805 15.69 -35.77 -20.84
CA ASN A 805 16.68 -35.29 -21.80
C ASN A 805 18.05 -35.83 -21.47
N LEU A 806 18.37 -35.95 -20.18
CA LEU A 806 19.64 -36.55 -19.83
C LEU A 806 19.77 -37.92 -20.44
N ILE A 807 18.94 -38.85 -19.99
CA ILE A 807 19.23 -40.24 -20.32
C ILE A 807 18.98 -40.46 -21.79
N ASP A 808 18.25 -39.57 -22.44
CA ASP A 808 18.25 -39.59 -23.89
C ASP A 808 19.66 -39.37 -24.41
N TYR A 809 20.28 -38.25 -24.03
CA TYR A 809 21.67 -38.00 -24.39
C TYR A 809 22.57 -39.16 -24.00
N MET A 810 22.21 -39.86 -22.93
CA MET A 810 23.02 -40.97 -22.45
C MET A 810 22.87 -42.20 -23.33
N LYS A 811 21.68 -42.79 -23.30
CA LYS A 811 21.38 -43.94 -24.12
C LYS A 811 21.68 -43.63 -25.58
N ARG A 812 21.58 -42.37 -25.95
CA ARG A 812 22.09 -41.93 -27.24
C ARG A 812 23.54 -42.39 -27.32
N ARG A 813 23.82 -43.32 -28.23
CA ARG A 813 25.12 -43.94 -28.21
C ARG A 813 26.19 -43.01 -28.76
N CYS A 814 27.41 -43.54 -28.83
CA CYS A 814 28.57 -42.72 -29.00
C CYS A 814 28.67 -42.24 -30.45
N ILE A 815 29.79 -41.60 -30.77
CA ILE A 815 30.01 -40.97 -32.06
C ILE A 815 28.77 -40.20 -32.49
N PRO A 827 31.23 -42.22 -23.45
CA PRO A 827 31.38 -41.39 -22.25
C PRO A 827 30.04 -40.88 -21.74
N CYS A 828 29.31 -40.23 -22.64
CA CYS A 828 27.95 -39.80 -22.41
C CYS A 828 26.96 -40.57 -23.28
N CYS A 829 27.37 -41.73 -23.76
CA CYS A 829 26.67 -42.47 -24.80
C CYS A 829 26.12 -43.79 -24.30
N ASP A 830 24.91 -44.12 -24.76
CA ASP A 830 24.35 -45.46 -24.60
C ASP A 830 24.36 -45.89 -23.14
N ALA A 831 23.82 -45.04 -22.26
CA ALA A 831 23.91 -45.22 -20.83
C ALA A 831 22.54 -45.15 -20.15
N GLN A 832 22.46 -45.71 -18.93
CA GLN A 832 21.25 -45.78 -18.13
C GLN A 832 21.26 -44.68 -17.07
N PHE A 833 20.30 -44.75 -16.15
CA PHE A 833 20.03 -43.67 -15.21
C PHE A 833 20.90 -43.63 -13.95
N PRO A 834 21.06 -44.72 -13.21
CA PRO A 834 21.81 -44.66 -11.95
C PRO A 834 23.28 -44.87 -12.22
N PHE A 835 24.10 -43.88 -11.87
CA PHE A 835 25.49 -43.91 -12.27
C PHE A 835 26.30 -42.84 -11.55
N GLU A 836 27.54 -42.68 -12.02
CA GLU A 836 28.56 -41.93 -11.33
C GLU A 836 28.03 -40.58 -10.84
N PRO A 837 28.67 -39.98 -9.84
CA PRO A 837 28.48 -38.55 -9.62
C PRO A 837 29.41 -37.67 -10.43
N HIS A 838 30.68 -38.05 -10.57
CA HIS A 838 31.61 -37.17 -11.25
C HIS A 838 31.51 -37.33 -12.75
N ILE A 839 31.56 -38.55 -13.26
CA ILE A 839 31.24 -38.79 -14.66
C ILE A 839 29.86 -38.23 -14.95
N PHE A 840 28.98 -38.26 -13.96
CA PHE A 840 27.63 -37.72 -14.13
C PHE A 840 27.67 -36.24 -14.44
N GLU A 841 28.14 -35.44 -13.49
CA GLU A 841 28.18 -34.00 -13.70
C GLU A 841 29.21 -33.64 -14.75
N TYR A 842 29.97 -34.63 -15.20
CA TYR A 842 30.97 -34.46 -16.23
C TYR A 842 30.36 -34.52 -17.62
N CYS A 843 29.45 -35.46 -17.84
CA CYS A 843 28.71 -35.53 -19.10
C CYS A 843 27.48 -34.66 -19.10
N LEU A 844 26.94 -34.37 -17.95
CA LEU A 844 25.67 -33.65 -17.90
C LEU A 844 25.76 -32.29 -18.57
N PRO A 845 26.51 -31.33 -18.04
CA PRO A 845 26.42 -29.97 -18.57
C PRO A 845 26.67 -29.92 -20.06
N GLN A 846 27.32 -30.94 -20.59
CA GLN A 846 27.48 -31.03 -22.03
C GLN A 846 26.15 -31.30 -22.70
N SER A 847 25.45 -32.34 -22.28
CA SER A 847 24.10 -32.59 -22.77
C SER A 847 23.21 -31.39 -22.50
N ILE A 848 23.58 -30.58 -21.52
CA ILE A 848 22.70 -29.50 -21.13
C ILE A 848 22.90 -28.30 -22.04
N SER A 849 24.14 -27.86 -22.24
CA SER A 849 24.41 -26.89 -23.26
C SER A 849 23.92 -27.38 -24.61
N ASN A 850 23.90 -28.70 -24.80
CA ASN A 850 23.29 -29.27 -25.99
C ASN A 850 21.82 -28.92 -26.09
N MET A 851 21.01 -29.40 -25.15
CA MET A 851 19.59 -29.12 -25.19
C MET A 851 19.34 -27.61 -25.24
N TYR A 852 20.23 -26.84 -24.64
CA TYR A 852 20.18 -25.39 -24.74
C TYR A 852 20.27 -24.93 -26.18
N ASP A 853 21.41 -25.16 -26.81
CA ASP A 853 21.66 -24.60 -28.12
C ASP A 853 20.77 -25.26 -29.18
N THR A 854 20.12 -26.37 -28.85
CA THR A 854 19.12 -26.93 -29.74
C THR A 854 18.03 -25.91 -30.01
N THR A 855 17.22 -26.19 -31.03
CA THR A 855 16.06 -25.36 -31.30
C THR A 855 14.96 -25.54 -30.26
N PHE A 856 15.14 -26.45 -29.29
CA PHE A 856 14.20 -26.51 -28.17
C PHE A 856 14.22 -25.17 -27.46
N PHE A 857 15.36 -24.83 -26.85
CA PHE A 857 15.61 -23.50 -26.31
C PHE A 857 14.40 -22.98 -25.53
N ARG A 858 13.74 -23.91 -24.83
CA ARG A 858 12.53 -23.53 -24.10
C ARG A 858 12.86 -22.41 -23.12
N PRO A 859 12.30 -21.21 -23.29
CA PRO A 859 12.51 -20.18 -22.27
C PRO A 859 11.81 -20.63 -20.99
N GLY A 860 12.60 -21.02 -20.01
CA GLY A 860 12.08 -21.77 -18.89
C GLY A 860 12.90 -21.53 -17.63
N VAL A 861 12.42 -22.13 -16.54
CA VAL A 861 13.06 -21.92 -15.26
C VAL A 861 13.40 -23.24 -14.57
N ALA A 862 12.42 -24.12 -14.41
CA ALA A 862 12.66 -25.35 -13.67
C ALA A 862 13.86 -26.10 -14.22
N GLY A 863 14.58 -26.77 -13.33
CA GLY A 863 15.79 -27.45 -13.70
C GLY A 863 16.99 -26.88 -12.98
N PRO A 864 18.15 -26.90 -13.63
CA PRO A 864 19.42 -26.70 -12.91
C PRO A 864 19.82 -25.24 -12.78
N LYS A 865 20.85 -25.03 -11.98
CA LYS A 865 21.49 -23.72 -11.84
C LYS A 865 22.94 -23.95 -11.43
N PHE A 866 23.85 -23.33 -12.15
CA PHE A 866 25.21 -23.84 -12.26
C PHE A 866 26.23 -22.96 -11.56
N ALA A 867 27.43 -23.51 -11.45
CA ALA A 867 28.56 -22.79 -10.92
C ALA A 867 29.85 -23.46 -11.38
N GLU A 868 30.93 -22.69 -11.37
CA GLU A 868 32.25 -23.22 -11.71
C GLU A 868 32.91 -23.91 -10.54
N ALA A 869 32.14 -24.33 -9.54
CA ALA A 869 32.65 -25.01 -8.35
C ALA A 869 33.68 -24.15 -7.61
N PHE A 894 37.70 -28.81 -19.08
CA PHE A 894 36.91 -27.71 -18.57
C PHE A 894 37.37 -27.24 -17.22
N THR A 895 37.05 -26.02 -16.92
CA THR A 895 36.99 -25.64 -15.52
C THR A 895 35.91 -26.48 -14.82
N PRO A 896 36.08 -26.76 -13.54
CA PRO A 896 35.12 -27.65 -12.84
C PRO A 896 33.73 -27.02 -12.76
N LEU A 897 32.70 -27.83 -13.02
CA LEU A 897 31.32 -27.40 -12.93
C LEU A 897 30.60 -28.04 -11.73
N LEU A 898 29.43 -27.49 -11.42
CA LEU A 898 28.44 -28.16 -10.57
C LEU A 898 27.11 -27.43 -10.71
N VAL A 899 26.09 -28.00 -10.07
CA VAL A 899 24.84 -27.27 -9.85
C VAL A 899 24.78 -26.90 -8.37
N LYS A 900 24.49 -25.63 -8.12
CA LYS A 900 24.17 -25.16 -6.78
C LYS A 900 22.86 -25.72 -6.28
N ALA A 901 21.83 -25.68 -7.12
CA ALA A 901 20.50 -26.11 -6.75
C ALA A 901 19.67 -26.08 -8.02
N LEU A 902 18.42 -26.52 -7.89
CA LEU A 902 17.61 -26.78 -9.07
C LEU A 902 16.18 -27.09 -8.65
N VAL A 903 15.29 -27.05 -9.63
CA VAL A 903 13.87 -26.88 -9.38
C VAL A 903 13.04 -27.59 -10.44
N ILE A 904 11.73 -27.68 -10.21
CA ILE A 904 10.82 -28.45 -11.03
C ILE A 904 9.55 -27.64 -11.26
N GLU A 905 9.02 -27.73 -12.49
CA GLU A 905 7.76 -27.14 -12.91
C GLU A 905 6.60 -28.10 -12.73
N PHE A 906 5.40 -27.53 -12.66
CA PHE A 906 4.17 -28.26 -12.92
C PHE A 906 3.06 -27.25 -13.15
N GLU A 907 2.14 -27.57 -14.04
CA GLU A 907 0.94 -26.77 -14.23
C GLU A 907 -0.16 -27.28 -13.31
N SER A 908 -1.18 -26.46 -13.10
CA SER A 908 -2.34 -26.88 -12.33
C SER A 908 -3.57 -27.01 -13.20
N ASN A 909 -4.41 -27.96 -12.80
CA ASN A 909 -5.79 -27.96 -13.21
C ASN A 909 -6.48 -26.62 -12.95
N VAL A 910 -5.92 -25.78 -12.07
CA VAL A 910 -6.56 -24.51 -11.75
C VAL A 910 -5.77 -23.35 -12.36
N ALA A 911 -6.46 -22.24 -12.55
CA ALA A 911 -5.87 -20.99 -13.00
C ALA A 911 -6.29 -19.83 -12.10
N TYR A 912 -6.00 -18.62 -12.56
CA TYR A 912 -5.95 -17.43 -11.71
C TYR A 912 -7.29 -17.17 -11.05
N SER A 913 -7.25 -16.77 -9.79
CA SER A 913 -8.38 -16.23 -9.06
C SER A 913 -7.92 -15.65 -7.73
N THR A 914 -8.72 -14.71 -7.21
CA THR A 914 -8.45 -14.06 -5.93
C THR A 914 -9.30 -14.62 -4.82
N ILE A 915 -10.03 -15.69 -5.09
CA ILE A 915 -10.88 -16.34 -4.10
C ILE A 915 -9.97 -16.97 -3.06
N TYR A 916 -10.53 -17.38 -1.93
CA TYR A 916 -9.68 -17.87 -0.86
C TYR A 916 -9.54 -19.38 -0.82
N ALA A 917 -10.64 -20.08 -0.58
CA ALA A 917 -10.52 -21.43 -0.05
C ALA A 917 -10.18 -22.43 -1.13
N ASN A 918 -10.55 -22.13 -2.36
CA ASN A 918 -10.13 -22.97 -3.47
C ASN A 918 -8.62 -23.08 -3.46
N ILE A 919 -7.94 -21.94 -3.56
CA ILE A 919 -6.50 -21.92 -3.53
C ILE A 919 -6.02 -22.51 -2.23
N ARG A 920 -6.77 -22.27 -1.16
CA ARG A 920 -6.37 -22.79 0.13
C ARG A 920 -6.18 -24.29 0.05
N GLN A 921 -7.29 -24.99 -0.16
CA GLN A 921 -7.25 -26.44 -0.18
C GLN A 921 -6.26 -26.93 -1.23
N PHE A 922 -6.20 -26.23 -2.37
CA PHE A 922 -5.23 -26.59 -3.39
C PHE A 922 -3.85 -26.73 -2.77
N TYR A 923 -3.33 -25.63 -2.25
CA TYR A 923 -2.02 -25.68 -1.62
C TYR A 923 -1.97 -26.72 -0.54
N GLU A 924 -3.02 -26.78 0.27
CA GLU A 924 -2.99 -27.60 1.47
C GLU A 924 -2.70 -29.04 1.12
N SER A 925 -3.60 -29.65 0.35
CA SER A 925 -3.41 -31.04 -0.04
C SER A 925 -2.15 -31.21 -0.86
N VAL A 926 -1.84 -30.23 -1.71
CA VAL A 926 -0.64 -30.33 -2.53
C VAL A 926 0.57 -30.51 -1.64
N GLU A 927 0.84 -29.52 -0.80
CA GLU A 927 1.96 -29.58 0.12
C GLU A 927 1.88 -30.82 0.98
N HIS A 928 0.68 -31.22 1.38
CA HIS A 928 0.55 -32.44 2.15
C HIS A 928 1.29 -33.57 1.45
N TRP A 929 0.88 -33.83 0.21
CA TRP A 929 1.52 -34.92 -0.51
C TRP A 929 2.98 -34.60 -0.75
N PHE A 930 3.30 -33.32 -0.82
CA PHE A 930 4.69 -32.95 -0.93
C PHE A 930 5.48 -33.58 0.20
N GLN A 931 4.97 -33.45 1.41
CA GLN A 931 5.60 -34.12 2.52
C GLN A 931 5.54 -35.62 2.34
N MET A 932 4.36 -36.12 2.01
CA MET A 932 4.17 -37.56 1.91
C MET A 932 5.27 -38.19 1.08
N GLN A 933 5.78 -37.44 0.12
CA GLN A 933 6.88 -37.92 -0.70
C GLN A 933 8.23 -37.50 -0.12
N LEU A 934 8.32 -36.27 0.37
CA LEU A 934 9.57 -35.73 0.88
C LEU A 934 10.26 -36.70 1.81
N LYS A 935 9.62 -36.99 2.94
CA LYS A 935 10.20 -37.90 3.91
C LYS A 935 10.67 -39.19 3.25
N THR A 936 10.03 -39.58 2.15
CA THR A 936 10.45 -40.78 1.44
C THR A 936 11.83 -40.61 0.82
N ALA A 937 12.13 -39.41 0.31
CA ALA A 937 13.42 -39.16 -0.29
C ALA A 937 14.54 -39.42 0.72
N PRO A 938 15.73 -39.73 0.25
CA PRO A 938 16.89 -39.64 1.13
C PRO A 938 17.00 -38.23 1.65
N PRO A 939 17.13 -38.04 2.96
CA PRO A 939 17.25 -36.67 3.49
C PRO A 939 18.26 -35.83 2.73
N GLU A 940 19.11 -36.48 1.94
CA GLU A 940 19.82 -35.78 0.87
C GLU A 940 18.90 -34.79 0.18
N LEU A 941 17.63 -35.16 0.01
CA LEU A 941 16.74 -34.53 -0.94
C LEU A 941 15.54 -33.85 -0.29
N GLN A 942 15.47 -33.82 1.03
CA GLN A 942 14.39 -33.10 1.69
C GLN A 942 14.88 -31.72 2.13
N GLY A 943 15.47 -31.03 1.14
CA GLY A 943 15.97 -29.68 1.31
C GLY A 943 15.16 -28.66 0.55
N GLY A 944 13.95 -29.06 0.14
CA GLY A 944 13.18 -28.28 -0.80
C GLY A 944 11.90 -27.70 -0.27
N TRP A 945 11.21 -26.98 -1.15
CA TRP A 945 9.94 -26.37 -0.81
C TRP A 945 9.18 -26.03 -2.09
N PHE A 946 8.06 -25.33 -1.91
CA PHE A 946 6.94 -25.31 -2.83
C PHE A 946 6.40 -23.88 -2.96
N THR A 947 6.04 -23.51 -4.19
CA THR A 947 5.73 -22.14 -4.52
C THR A 947 4.29 -21.97 -4.99
N SER A 948 3.79 -20.74 -4.86
CA SER A 948 2.67 -20.25 -5.63
C SER A 948 2.49 -18.77 -5.36
N ASP A 949 1.41 -18.21 -5.89
CA ASP A 949 1.04 -16.82 -5.61
C ASP A 949 -0.04 -16.77 -4.54
N LEU A 950 0.29 -17.28 -3.34
CA LEU A 950 -0.57 -17.17 -2.19
C LEU A 950 -0.45 -15.82 -1.48
N LYS A 951 0.67 -15.13 -1.64
CA LYS A 951 0.89 -13.86 -0.95
C LYS A 951 -0.41 -13.09 -0.78
N PHE A 952 -1.11 -12.86 -1.88
CA PHE A 952 -2.50 -12.44 -1.81
C PHE A 952 -3.25 -13.22 -0.74
N TYR A 953 -3.29 -14.54 -0.92
CA TYR A 953 -3.89 -15.41 0.09
C TYR A 953 -3.15 -15.30 1.41
N ASN A 954 -1.83 -15.16 1.34
CA ASN A 954 -1.05 -15.00 2.56
C ASN A 954 -1.67 -13.91 3.42
N VAL A 955 -1.91 -12.76 2.79
CA VAL A 955 -2.65 -11.71 3.45
C VAL A 955 -3.98 -12.24 3.92
N GLN A 956 -4.81 -12.68 2.99
CA GLN A 956 -6.22 -12.86 3.32
C GLN A 956 -6.41 -13.90 4.43
N ASP A 957 -5.32 -14.51 4.87
CA ASP A 957 -5.40 -15.31 6.10
C ASP A 957 -4.72 -14.59 7.27
N THR A 958 -3.44 -14.27 7.10
CA THR A 958 -2.64 -13.77 8.19
C THR A 958 -3.19 -12.46 8.73
N LEU A 959 -3.78 -11.66 7.84
CA LEU A 959 -4.39 -10.41 8.25
C LEU A 959 -5.37 -10.64 9.38
N SER A 960 -6.40 -11.45 9.14
CA SER A 960 -7.42 -11.66 10.14
C SER A 960 -6.83 -12.27 11.39
N HIS A 961 -5.96 -13.26 11.21
CA HIS A 961 -5.40 -13.92 12.38
C HIS A 961 -4.75 -12.88 13.30
N ASP A 962 -3.82 -12.14 12.74
CA ASP A 962 -3.05 -11.17 13.52
C ASP A 962 -3.94 -10.06 14.04
N THR A 963 -4.98 -9.73 13.28
CA THR A 963 -5.92 -8.71 13.73
C THR A 963 -6.60 -9.14 15.02
N PHE A 964 -7.40 -10.20 14.95
CA PHE A 964 -8.01 -10.75 16.15
C PHE A 964 -7.02 -10.75 17.29
N VAL A 965 -5.80 -11.22 17.02
CA VAL A 965 -4.77 -11.26 18.05
C VAL A 965 -4.65 -9.92 18.75
N ALA A 966 -4.35 -8.88 17.98
CA ALA A 966 -4.06 -7.59 18.61
C ALA A 966 -5.30 -7.01 19.27
N ILE A 967 -6.45 -7.28 18.67
CA ILE A 967 -7.69 -6.90 19.32
C ILE A 967 -7.70 -7.42 20.74
N CYS A 968 -7.46 -8.72 20.90
CA CYS A 968 -7.48 -9.28 22.23
C CYS A 968 -6.38 -8.65 23.09
N LEU A 969 -5.29 -8.24 22.45
CA LEU A 969 -4.23 -7.57 23.20
C LEU A 969 -4.77 -6.37 23.93
N ALA A 970 -5.23 -5.39 23.17
CA ALA A 970 -5.68 -4.15 23.80
C ALA A 970 -6.88 -4.40 24.70
N MET A 971 -7.67 -5.41 24.35
CA MET A 971 -8.79 -5.80 25.20
C MET A 971 -8.29 -6.11 26.60
N ALA A 972 -7.45 -7.14 26.72
CA ALA A 972 -6.93 -7.53 28.02
C ALA A 972 -6.25 -6.35 28.69
N ALA A 973 -5.68 -5.45 27.90
CA ALA A 973 -5.01 -4.29 28.48
C ALA A 973 -5.99 -3.44 29.28
N SER A 974 -6.99 -2.90 28.58
CA SER A 974 -7.98 -2.09 29.27
C SER A 974 -8.63 -2.87 30.39
N LEU A 975 -8.70 -4.18 30.23
CA LEU A 975 -9.24 -5.03 31.29
C LEU A 975 -8.42 -4.89 32.56
N ALA A 976 -7.12 -5.08 32.43
CA ALA A 976 -6.23 -4.95 33.58
C ALA A 976 -6.41 -3.60 34.24
N VAL A 977 -6.52 -2.55 33.45
CA VAL A 977 -6.61 -1.21 34.05
C VAL A 977 -7.89 -1.07 34.84
N LEU A 978 -9.02 -1.42 34.24
CA LEU A 978 -10.28 -1.32 34.95
C LEU A 978 -10.20 -2.05 36.28
N LEU A 979 -9.66 -3.27 36.26
CA LEU A 979 -9.52 -3.99 37.51
C LEU A 979 -8.55 -3.28 38.44
N CYS A 980 -7.64 -2.49 37.88
CA CYS A 980 -6.68 -1.78 38.72
C CYS A 980 -7.38 -0.74 39.58
N PHE A 981 -8.18 0.12 38.96
CA PHE A 981 -8.69 1.27 39.72
C PHE A 981 -10.06 1.03 40.35
N THR A 982 -11.09 0.82 39.54
CA THR A 982 -12.44 0.81 40.07
C THR A 982 -12.72 -0.58 40.63
N VAL A 983 -12.03 -0.86 41.74
CA VAL A 983 -11.77 -2.23 42.16
C VAL A 983 -13.02 -3.08 42.17
N ASN A 984 -14.16 -2.54 42.61
CA ASN A 984 -15.35 -3.35 42.59
C ASN A 984 -15.73 -3.64 41.15
N ILE A 985 -16.34 -4.80 40.94
CA ILE A 985 -16.18 -5.49 39.67
C ILE A 985 -17.41 -5.32 38.80
N LEU A 986 -18.57 -5.33 39.43
CA LEU A 986 -19.82 -5.00 38.74
C LEU A 986 -19.58 -3.83 37.80
N ILE A 987 -18.72 -2.92 38.25
CA ILE A 987 -18.46 -1.69 37.53
C ILE A 987 -17.92 -2.02 36.16
N SER A 988 -16.75 -2.67 36.14
CA SER A 988 -16.06 -2.94 34.90
C SER A 988 -16.85 -3.93 34.06
N ILE A 989 -17.59 -4.81 34.70
CA ILE A 989 -18.45 -5.71 33.95
C ILE A 989 -19.40 -4.90 33.08
N TYR A 990 -20.18 -4.04 33.72
CA TYR A 990 -21.22 -3.35 32.99
C TYR A 990 -20.59 -2.49 31.91
N ALA A 991 -19.46 -1.88 32.23
CA ALA A 991 -18.76 -1.09 31.25
C ALA A 991 -18.35 -1.95 30.05
N VAL A 992 -17.73 -3.09 30.33
CA VAL A 992 -17.28 -4.00 29.27
C VAL A 992 -18.43 -4.29 28.34
N LEU A 993 -19.60 -4.54 28.89
CA LEU A 993 -20.70 -4.97 28.06
C LEU A 993 -21.21 -3.81 27.22
N THR A 994 -21.37 -2.65 27.86
CA THR A 994 -21.69 -1.45 27.12
C THR A 994 -20.82 -1.34 25.89
N VAL A 995 -19.51 -1.40 26.10
CA VAL A 995 -18.59 -0.99 25.06
C VAL A 995 -18.45 -2.09 24.03
N SER A 996 -18.65 -3.34 24.45
CA SER A 996 -18.63 -4.46 23.53
C SER A 996 -19.78 -4.35 22.54
N LEU A 997 -20.97 -3.99 23.03
CA LEU A 997 -22.06 -3.83 22.08
C LEU A 997 -21.87 -2.60 21.21
N SER A 998 -21.23 -1.56 21.76
CA SER A 998 -20.83 -0.46 20.92
C SER A 998 -19.96 -0.96 19.79
N ILE A 999 -18.97 -1.77 20.11
CA ILE A 999 -18.13 -2.41 19.09
C ILE A 999 -19.01 -3.06 18.06
N PHE A 1000 -19.90 -3.93 18.53
CA PHE A 1000 -20.73 -4.72 17.63
C PHE A 1000 -21.46 -3.84 16.65
N ASN A 1001 -22.14 -2.83 17.18
CA ASN A 1001 -23.04 -2.07 16.34
C ASN A 1001 -22.26 -1.14 15.41
N THR A 1002 -21.15 -0.59 15.87
CA THR A 1002 -20.35 0.25 15.00
C THR A 1002 -19.80 -0.58 13.85
N VAL A 1003 -19.41 -1.81 14.14
CA VAL A 1003 -18.93 -2.67 13.08
C VAL A 1003 -20.05 -2.93 12.09
N ALA A 1004 -21.19 -3.38 12.60
CA ALA A 1004 -22.28 -3.67 11.69
C ALA A 1004 -22.80 -2.39 11.06
N VAL A 1005 -22.34 -1.24 11.54
CA VAL A 1005 -22.62 0.00 10.84
C VAL A 1005 -21.78 0.08 9.60
N LEU A 1006 -20.48 -0.08 9.76
CA LEU A 1006 -19.63 -0.29 8.61
C LEU A 1006 -20.30 -1.26 7.65
N ILE A 1007 -20.96 -2.26 8.21
CA ILE A 1007 -21.64 -3.25 7.39
C ILE A 1007 -22.80 -2.59 6.65
N LEU A 1008 -23.60 -1.82 7.37
CA LEU A 1008 -24.72 -1.14 6.75
C LEU A 1008 -24.24 -0.27 5.61
N LEU A 1009 -22.98 0.12 5.64
CA LEU A 1009 -22.39 0.73 4.46
C LEU A 1009 -21.47 -0.26 3.75
N GLY A 1010 -21.21 -1.41 4.37
CA GLY A 1010 -20.89 -2.60 3.60
C GLY A 1010 -19.50 -2.71 3.04
N TRP A 1011 -18.53 -2.91 3.91
CA TRP A 1011 -17.13 -2.89 3.52
C TRP A 1011 -16.59 -4.26 3.19
N GLN A 1012 -15.55 -4.26 2.38
CA GLN A 1012 -14.61 -5.37 2.27
C GLN A 1012 -13.49 -5.16 3.27
N LEU A 1013 -12.76 -6.22 3.57
CA LEU A 1013 -11.75 -6.13 4.61
C LEU A 1013 -10.42 -5.61 4.07
N ASN A 1014 -9.85 -4.68 4.79
CA ASN A 1014 -8.46 -4.29 4.62
C ASN A 1014 -7.89 -3.96 6.00
N ILE A 1015 -6.60 -3.67 6.03
CA ILE A 1015 -5.90 -3.55 7.30
C ILE A 1015 -6.40 -2.34 8.05
N LEU A 1016 -6.55 -1.24 7.32
CA LEU A 1016 -6.92 0.04 7.90
C LEU A 1016 -7.96 -0.13 8.97
N GLU A 1017 -8.88 -1.06 8.74
CA GLU A 1017 -10.08 -1.11 9.52
C GLU A 1017 -9.87 -2.00 10.73
N SER A 1018 -9.12 -3.07 10.54
CA SER A 1018 -8.58 -3.80 11.67
C SER A 1018 -7.93 -2.83 12.64
N ILE A 1019 -7.20 -1.86 12.10
CA ILE A 1019 -6.47 -0.93 12.95
C ILE A 1019 -7.43 -0.06 13.73
N ALA A 1020 -8.29 0.66 13.03
CA ALA A 1020 -9.22 1.54 13.71
C ALA A 1020 -10.01 0.77 14.77
N VAL A 1021 -10.43 -0.44 14.43
CA VAL A 1021 -11.03 -1.32 15.41
C VAL A 1021 -10.20 -1.40 16.65
N SER A 1022 -8.99 -1.93 16.51
CA SER A 1022 -8.14 -2.10 17.66
C SER A 1022 -8.17 -0.87 18.54
N THR A 1023 -8.12 0.29 17.92
CA THR A 1023 -8.11 1.53 18.70
C THR A 1023 -9.41 1.75 19.44
N ALA A 1024 -10.50 1.28 18.87
CA ALA A 1024 -11.82 1.52 19.46
C ALA A 1024 -11.79 1.37 20.96
N ILE A 1025 -10.99 0.43 21.46
CA ILE A 1025 -11.04 0.14 22.88
C ILE A 1025 -10.60 1.37 23.65
N GLY A 1026 -9.31 1.68 23.53
CA GLY A 1026 -8.74 2.81 24.23
C GLY A 1026 -9.46 4.09 23.88
N LEU A 1027 -10.30 4.04 22.85
CA LEU A 1027 -11.14 5.18 22.54
C LEU A 1027 -12.35 5.26 23.47
N ALA A 1028 -13.19 4.24 23.44
CA ALA A 1028 -14.47 4.30 24.14
C ALA A 1028 -14.30 4.23 25.64
N VAL A 1029 -13.32 3.45 26.09
CA VAL A 1029 -13.13 3.18 27.50
C VAL A 1029 -13.34 4.40 28.39
N ASP A 1030 -12.83 5.56 27.97
CA ASP A 1030 -12.59 6.64 28.92
C ASP A 1030 -13.89 7.18 29.49
N PHE A 1031 -14.92 7.28 28.66
CA PHE A 1031 -16.19 7.77 29.17
C PHE A 1031 -16.64 6.93 30.35
N SER A 1032 -16.80 5.63 30.09
CA SER A 1032 -17.25 4.72 31.12
C SER A 1032 -16.36 4.79 32.34
N LEU A 1033 -15.05 4.97 32.12
CA LEU A 1033 -14.13 4.94 33.24
C LEU A 1033 -14.30 6.16 34.12
N HIS A 1034 -14.24 7.35 33.52
CA HIS A 1034 -14.53 8.56 34.25
C HIS A 1034 -15.76 8.38 35.12
N TYR A 1035 -16.83 7.85 34.52
CA TYR A 1035 -18.05 7.65 35.27
C TYR A 1035 -17.81 6.75 36.48
N GLY A 1036 -17.36 5.52 36.21
CA GLY A 1036 -17.22 4.55 37.27
C GLY A 1036 -16.31 5.07 38.37
N ILE A 1037 -15.40 5.94 37.99
CA ILE A 1037 -14.44 6.46 38.95
C ILE A 1037 -15.10 7.49 39.84
N HIS A 1038 -15.58 8.57 39.25
CA HIS A 1038 -16.27 9.59 40.02
C HIS A 1038 -17.23 8.97 40.99
N TYR A 1039 -17.95 7.95 40.56
CA TYR A 1039 -18.90 7.34 41.47
C TYR A 1039 -18.17 6.55 42.55
N ARG A 1040 -17.18 5.77 42.15
CA ARG A 1040 -16.36 5.09 43.15
C ARG A 1040 -15.66 6.11 44.04
N MET A 1041 -15.44 7.30 43.50
CA MET A 1041 -14.77 8.36 44.23
C MET A 1041 -15.75 9.20 45.04
N SER A 1042 -17.02 9.20 44.68
CA SER A 1042 -18.00 9.95 45.44
C SER A 1042 -17.96 9.52 46.89
N PRO A 1043 -18.38 10.37 47.81
CA PRO A 1043 -18.40 9.99 49.22
C PRO A 1043 -19.71 9.31 49.56
N VAL A 1044 -20.57 9.12 48.56
CA VAL A 1044 -21.88 8.49 48.76
C VAL A 1044 -21.84 7.06 48.26
N LYS A 1045 -22.67 6.21 48.86
CA LYS A 1045 -22.73 4.80 48.55
C LYS A 1045 -24.12 4.36 48.16
N GLU A 1046 -24.90 5.22 47.55
CA GLU A 1046 -26.23 4.87 47.12
C GLU A 1046 -26.37 5.11 45.64
N ARG A 1047 -27.28 4.37 45.02
CA ARG A 1047 -27.46 4.51 43.58
C ARG A 1047 -27.74 5.94 43.21
N LEU A 1048 -28.92 6.44 43.59
CA LEU A 1048 -29.35 7.72 43.07
C LEU A 1048 -28.45 8.84 43.56
N ALA A 1049 -28.03 8.77 44.83
CA ALA A 1049 -27.37 9.92 45.44
C ALA A 1049 -25.97 10.10 44.90
N ALA A 1050 -25.11 9.13 45.14
CA ALA A 1050 -23.78 9.16 44.55
C ALA A 1050 -23.88 9.34 43.05
N THR A 1051 -24.92 8.77 42.45
CA THR A 1051 -25.11 8.93 41.02
C THR A 1051 -25.24 10.39 40.64
N GLN A 1052 -26.11 11.11 41.34
CA GLN A 1052 -26.38 12.51 41.03
C GLN A 1052 -25.13 13.36 41.26
N PHE A 1053 -24.43 13.10 42.35
CA PHE A 1053 -23.11 13.70 42.52
C PHE A 1053 -22.30 13.57 41.24
N VAL A 1054 -22.03 12.33 40.84
CA VAL A 1054 -21.16 12.11 39.70
C VAL A 1054 -21.71 12.83 38.49
N LEU A 1055 -23.04 12.87 38.36
CA LEU A 1055 -23.63 13.62 37.28
C LEU A 1055 -23.09 15.03 37.25
N SER A 1056 -23.42 15.76 38.31
CA SER A 1056 -23.08 17.16 38.39
C SER A 1056 -21.60 17.38 38.18
N ARG A 1057 -20.80 16.38 38.50
CA ARG A 1057 -19.36 16.63 38.62
C ARG A 1057 -18.57 15.92 37.53
N ILE A 1058 -19.25 15.30 36.57
CA ILE A 1058 -18.62 14.58 35.49
C ILE A 1058 -19.12 15.01 34.12
N ILE A 1059 -20.35 15.50 34.04
CA ILE A 1059 -21.12 15.30 32.82
C ILE A 1059 -20.40 15.81 31.57
N GLY A 1060 -20.01 17.08 31.52
CA GLY A 1060 -19.91 17.79 30.28
C GLY A 1060 -18.62 17.59 29.50
N PRO A 1061 -17.49 17.88 30.15
CA PRO A 1061 -16.20 17.70 29.48
C PRO A 1061 -16.15 16.46 28.63
N THR A 1062 -16.78 15.38 29.09
CA THR A 1062 -16.92 14.20 28.26
C THR A 1062 -17.52 14.58 26.93
N VAL A 1063 -18.58 15.35 26.99
CA VAL A 1063 -19.32 15.69 25.80
C VAL A 1063 -18.45 16.55 24.91
N MET A 1064 -17.72 17.47 25.52
CA MET A 1064 -16.85 18.33 24.74
C MET A 1064 -15.76 17.53 24.04
N ALA A 1065 -15.26 16.49 24.69
CA ALA A 1065 -14.16 15.72 24.10
C ALA A 1065 -14.67 14.93 22.90
N ALA A 1066 -15.71 14.14 23.11
CA ALA A 1066 -16.33 13.46 22.00
C ALA A 1066 -16.73 14.46 20.93
N THR A 1067 -16.96 15.70 21.34
CA THR A 1067 -17.42 16.72 20.40
C THR A 1067 -16.29 17.14 19.47
N THR A 1068 -15.12 17.46 20.04
CA THR A 1068 -13.97 17.74 19.20
C THR A 1068 -13.69 16.58 18.27
N THR A 1069 -13.81 15.37 18.80
CA THR A 1069 -13.50 14.19 18.01
C THR A 1069 -14.42 14.11 16.81
N GLY A 1070 -15.71 14.35 17.05
CA GLY A 1070 -16.65 14.34 15.96
C GLY A 1070 -16.41 15.48 15.01
N LEU A 1071 -16.01 16.63 15.54
CA LEU A 1071 -15.64 17.74 14.67
C LEU A 1071 -14.60 17.27 13.66
N ALA A 1072 -13.47 16.80 14.16
CA ALA A 1072 -12.38 16.38 13.29
C ALA A 1072 -12.84 15.31 12.32
N GLY A 1073 -13.43 14.24 12.84
CA GLY A 1073 -13.84 13.17 11.98
C GLY A 1073 -14.79 13.63 10.90
N GLY A 1074 -15.98 14.06 11.32
CA GLY A 1074 -16.98 14.51 10.38
C GLY A 1074 -16.52 15.55 9.40
N ILE A 1075 -15.39 16.22 9.67
CA ILE A 1075 -14.98 17.25 8.72
C ILE A 1075 -14.04 16.71 7.66
N MET A 1076 -13.56 15.48 7.80
CA MET A 1076 -12.75 14.89 6.74
C MET A 1076 -13.58 14.39 5.57
N MET A 1077 -14.89 14.55 5.65
CA MET A 1077 -15.77 13.62 4.96
C MET A 1077 -16.07 14.03 3.54
N ALA A 1078 -16.55 15.24 3.30
CA ALA A 1078 -16.82 15.67 1.94
C ALA A 1078 -15.50 16.00 1.24
N SER A 1079 -14.65 14.98 1.20
CA SER A 1079 -13.30 15.06 0.66
C SER A 1079 -13.10 13.93 -0.35
N ASN A 1080 -11.85 13.70 -0.75
CA ASN A 1080 -11.54 12.88 -1.91
C ASN A 1080 -11.19 11.43 -1.62
N ILE A 1081 -10.91 11.07 -0.39
CA ILE A 1081 -10.12 9.88 -0.13
C ILE A 1081 -10.93 8.82 0.59
N LEU A 1082 -10.56 7.57 0.34
CA LEU A 1082 -11.06 6.47 1.14
C LEU A 1082 -10.52 6.62 2.54
N PRO A 1083 -9.20 6.57 2.73
CA PRO A 1083 -8.66 6.74 4.07
C PRO A 1083 -9.31 7.82 4.91
N TYR A 1084 -9.19 9.09 4.50
CA TYR A 1084 -9.58 10.16 5.42
C TYR A 1084 -11.06 10.10 5.76
N ILE A 1085 -11.91 9.95 4.76
CA ILE A 1085 -13.34 10.06 5.01
C ILE A 1085 -13.82 8.83 5.72
N GLN A 1086 -13.33 7.68 5.28
CA GLN A 1086 -13.43 6.46 6.04
C GLN A 1086 -13.16 6.71 7.51
N ILE A 1087 -12.10 7.45 7.79
CA ILE A 1087 -11.67 7.59 9.16
C ILE A 1087 -12.62 8.51 9.92
N GLY A 1088 -13.02 9.60 9.29
CA GLY A 1088 -14.02 10.45 9.91
C GLY A 1088 -15.24 9.66 10.29
N VAL A 1089 -15.68 8.79 9.38
CA VAL A 1089 -16.75 7.86 9.71
C VAL A 1089 -16.44 7.12 10.99
N PHE A 1090 -15.32 6.40 10.97
CA PHE A 1090 -14.98 5.57 12.11
C PHE A 1090 -15.07 6.38 13.39
N LEU A 1091 -14.38 7.51 13.41
CA LEU A 1091 -14.41 8.38 14.57
C LEU A 1091 -15.84 8.64 15.00
N VAL A 1092 -16.57 9.33 14.16
CA VAL A 1092 -17.85 9.87 14.58
C VAL A 1092 -18.71 8.77 15.14
N VAL A 1093 -18.87 7.70 14.37
CA VAL A 1093 -19.69 6.59 14.84
C VAL A 1093 -19.23 6.14 16.21
N VAL A 1094 -17.98 5.71 16.30
CA VAL A 1094 -17.55 5.05 17.52
C VAL A 1094 -17.75 5.96 18.70
N MET A 1095 -17.17 7.15 18.63
CA MET A 1095 -17.21 8.03 19.77
C MET A 1095 -18.64 8.29 20.19
N ILE A 1096 -19.46 8.82 19.27
CA ILE A 1096 -20.79 9.29 19.63
C ILE A 1096 -21.63 8.14 20.17
N VAL A 1097 -21.50 6.97 19.58
CA VAL A 1097 -22.45 5.92 19.88
C VAL A 1097 -22.06 5.20 21.15
N SER A 1098 -20.78 4.87 21.29
CA SER A 1098 -20.33 4.43 22.60
C SER A 1098 -20.74 5.43 23.67
N TRP A 1099 -20.78 6.71 23.30
CA TRP A 1099 -21.23 7.69 24.28
C TRP A 1099 -22.64 7.40 24.70
N PHE A 1100 -23.60 7.61 23.80
CA PHE A 1100 -24.99 7.27 24.11
C PHE A 1100 -25.06 5.99 24.93
N TYR A 1101 -24.27 5.00 24.54
CA TYR A 1101 -24.30 3.71 25.19
C TYR A 1101 -24.04 3.84 26.67
N ALA A 1102 -22.82 4.21 27.02
CA ALA A 1102 -22.49 4.26 28.44
C ALA A 1102 -23.13 5.48 29.09
N THR A 1103 -23.78 6.29 28.28
CA THR A 1103 -24.29 7.58 28.69
C THR A 1103 -25.74 7.49 29.13
N PHE A 1104 -26.43 6.40 28.77
CA PHE A 1104 -27.74 6.10 29.35
C PHE A 1104 -27.89 4.65 29.79
N PHE A 1105 -27.33 3.71 29.05
CA PHE A 1105 -27.51 2.31 29.36
C PHE A 1105 -26.95 2.01 30.75
N LEU A 1106 -25.64 2.16 30.90
CA LEU A 1106 -25.03 1.88 32.19
C LEU A 1106 -25.58 2.82 33.22
N MET A 1107 -25.97 3.99 32.76
CA MET A 1107 -26.59 4.95 33.65
C MET A 1107 -27.81 4.34 34.31
N SER A 1108 -28.61 3.62 33.55
CA SER A 1108 -29.74 2.89 34.11
C SER A 1108 -29.23 1.78 35.02
N LEU A 1109 -28.28 1.01 34.50
CA LEU A 1109 -27.78 -0.15 35.22
C LEU A 1109 -27.54 0.19 36.66
N LEU A 1110 -26.91 1.32 36.90
CA LEU A 1110 -26.46 1.62 38.24
C LEU A 1110 -27.26 2.75 38.84
N ARG A 1111 -28.13 3.37 38.03
CA ARG A 1111 -29.30 4.03 38.56
C ARG A 1111 -30.00 3.10 39.54
N VAL A 1112 -29.95 1.81 39.26
CA VAL A 1112 -30.71 0.88 40.07
C VAL A 1112 -29.83 -0.17 40.74
N ALA A 1113 -28.60 -0.35 40.31
CA ALA A 1113 -27.85 -1.55 40.65
C ALA A 1113 -26.41 -1.25 41.02
N GLY A 1114 -26.18 -0.22 41.82
CA GLY A 1114 -24.85 0.09 42.25
C GLY A 1114 -24.46 -0.64 43.52
N PRO A 1115 -23.17 -0.87 43.72
CA PRO A 1115 -22.71 -1.51 44.96
C PRO A 1115 -22.69 -0.50 46.08
N GLN A 1116 -23.62 -0.64 47.02
CA GLN A 1116 -23.77 0.28 48.13
C GLN A 1116 -23.25 -0.38 49.39
N HIS A 1117 -22.65 0.42 50.26
CA HIS A 1117 -22.22 -0.06 51.56
C HIS A 1117 -21.15 -1.15 51.45
N GLY A 1118 -20.00 -0.78 50.90
CA GLY A 1118 -18.85 -1.68 50.89
C GLY A 1118 -19.12 -2.93 50.09
N PHE A 1119 -19.90 -2.82 49.04
CA PHE A 1119 -20.36 -3.98 48.31
C PHE A 1119 -19.40 -4.29 47.18
N LEU A 1120 -18.72 -5.44 47.28
CA LEU A 1120 -18.00 -6.04 46.17
C LEU A 1120 -16.72 -5.27 45.85
N GLU A 1121 -16.18 -4.60 46.85
CA GLU A 1121 -14.91 -3.92 46.73
C GLU A 1121 -13.79 -4.89 47.09
N LEU A 1122 -12.57 -4.53 46.72
CA LEU A 1122 -11.44 -5.43 46.87
C LEU A 1122 -10.60 -5.06 48.09
N TYR B 100 6.02 -5.12 -26.13
CA TYR B 100 7.26 -5.89 -26.17
C TYR B 100 8.38 -4.98 -26.69
N PRO B 101 8.17 -4.29 -27.82
CA PRO B 101 9.07 -3.20 -28.18
C PRO B 101 8.66 -1.91 -27.48
N LEU B 102 9.66 -1.23 -26.91
CA LEU B 102 9.39 -0.01 -26.18
C LEU B 102 8.87 1.06 -27.14
N VAL B 103 8.32 2.12 -26.54
CA VAL B 103 7.69 3.19 -27.31
C VAL B 103 8.23 4.53 -26.82
N LEU B 104 8.25 5.51 -27.74
CA LEU B 104 8.81 6.82 -27.45
C LEU B 104 8.15 7.44 -26.21
N LYS B 105 8.98 8.03 -25.34
CA LYS B 105 8.64 8.69 -24.10
C LYS B 105 8.35 7.72 -22.97
N GLN B 106 8.42 6.41 -23.20
CA GLN B 106 8.16 5.45 -22.14
C GLN B 106 9.25 5.57 -21.07
N THR B 107 8.85 5.32 -19.82
CA THR B 107 9.76 5.33 -18.69
C THR B 107 9.53 4.07 -17.87
N ILE B 108 10.58 3.28 -17.69
CA ILE B 108 10.50 2.00 -16.99
C ILE B 108 11.45 2.07 -15.80
N PRO B 109 10.95 2.00 -14.56
CA PRO B 109 9.53 1.95 -14.25
C PRO B 109 8.83 3.27 -14.55
N ASN B 110 7.50 3.30 -14.43
CA ASN B 110 6.71 4.50 -14.76
C ASN B 110 6.79 5.49 -13.61
N LEU B 111 8.01 5.90 -13.28
CA LEU B 111 8.27 6.64 -12.05
C LEU B 111 9.20 7.78 -12.36
N SER B 112 9.73 8.38 -11.30
CA SER B 112 10.91 9.21 -11.44
C SER B 112 12.14 8.33 -11.55
N GLU B 113 12.88 8.50 -12.64
CA GLU B 113 14.05 7.67 -12.89
C GLU B 113 14.92 7.61 -11.64
N TYR B 114 14.89 8.66 -10.83
CA TYR B 114 15.64 8.69 -9.58
C TYR B 114 14.93 7.96 -8.45
N THR B 115 13.77 7.35 -8.70
CA THR B 115 13.16 6.50 -7.68
C THR B 115 14.18 5.50 -7.17
N ASN B 116 14.30 5.44 -5.83
CA ASN B 116 15.47 4.81 -5.22
C ASN B 116 15.75 3.43 -5.80
N SER B 117 14.74 2.77 -6.37
CA SER B 117 14.95 1.43 -6.88
C SER B 117 15.09 1.39 -8.40
N ALA B 118 14.74 2.47 -9.10
CA ALA B 118 14.86 2.48 -10.55
C ALA B 118 16.27 2.83 -11.00
N SER B 119 16.68 4.07 -10.78
CA SER B 119 18.07 4.48 -10.94
C SER B 119 18.62 5.24 -9.75
N GLY B 120 17.79 6.06 -9.12
CA GLY B 120 18.20 6.77 -7.93
C GLY B 120 18.67 8.17 -8.24
N PRO B 121 18.89 8.96 -7.20
CA PRO B 121 19.41 10.31 -7.39
C PRO B 121 20.91 10.29 -7.62
N LEU B 122 21.38 11.31 -8.35
CA LEU B 122 22.80 11.40 -8.67
C LEU B 122 23.61 11.54 -7.38
N GLU B 123 24.88 11.15 -7.44
CA GLU B 123 25.77 11.20 -6.29
C GLU B 123 27.02 12.01 -6.59
N GLY B 124 26.94 12.93 -7.55
CA GLY B 124 28.04 13.82 -7.86
C GLY B 124 28.73 13.55 -9.18
N VAL B 125 29.30 14.60 -9.78
CA VAL B 125 30.02 14.44 -11.04
C VAL B 125 31.40 13.84 -10.78
N ILE B 126 31.95 13.21 -11.80
CA ILE B 126 33.31 12.66 -11.74
C ILE B 126 34.17 13.42 -12.74
N ARG B 127 35.24 14.02 -12.25
CA ARG B 127 36.27 14.63 -13.07
C ARG B 127 37.62 14.03 -12.70
N ARG B 128 38.61 14.22 -13.58
CA ARG B 128 39.89 13.53 -13.42
C ARG B 128 40.52 13.81 -12.06
N ASP B 129 40.14 14.90 -11.41
CA ASP B 129 40.69 15.19 -10.08
C ASP B 129 39.90 14.50 -8.98
N SER B 130 38.59 14.38 -9.15
CA SER B 130 37.77 13.79 -8.11
C SER B 130 38.15 12.32 -7.92
N PRO B 131 38.38 11.87 -6.69
CA PRO B 131 38.80 10.48 -6.48
C PRO B 131 37.79 9.47 -6.98
N LYS B 132 36.56 9.88 -7.25
CA LYS B 132 35.59 8.95 -7.83
C LYS B 132 36.02 8.44 -9.19
N PHE B 133 36.73 9.26 -9.97
CA PHE B 133 37.28 8.78 -11.24
C PHE B 133 38.21 7.60 -11.03
N LYS B 134 38.71 7.41 -9.80
CA LYS B 134 39.53 6.24 -9.50
C LYS B 134 38.80 4.95 -9.79
N ASP B 135 37.46 4.94 -9.71
CA ASP B 135 36.72 3.69 -9.85
C ASP B 135 36.00 3.58 -11.20
N LEU B 136 35.97 4.63 -12.00
CA LEU B 136 35.32 4.57 -13.30
C LEU B 136 36.05 3.61 -14.22
N VAL B 137 35.31 3.01 -15.15
CA VAL B 137 35.84 1.99 -16.04
C VAL B 137 35.52 2.34 -17.49
N PRO B 138 36.49 2.28 -18.41
CA PRO B 138 36.17 2.39 -19.83
C PRO B 138 35.93 1.02 -20.45
N ASN B 139 34.99 0.97 -21.39
CA ASN B 139 34.62 -0.29 -22.05
C ASN B 139 35.46 -0.42 -23.31
N TYR B 140 36.58 -1.13 -23.18
CA TYR B 140 37.34 -1.58 -24.33
C TYR B 140 36.69 -2.76 -25.03
N ASN B 141 35.45 -3.10 -24.67
CA ASN B 141 34.74 -4.20 -25.30
C ASN B 141 34.59 -3.91 -26.77
N ARG B 142 35.34 -4.62 -27.61
CA ARG B 142 35.42 -4.31 -29.03
C ARG B 142 34.18 -4.76 -29.80
N ASP B 143 33.35 -5.61 -29.22
CA ASP B 143 32.01 -5.84 -29.74
C ASP B 143 31.12 -4.61 -29.54
N ILE B 144 31.63 -3.55 -28.91
CA ILE B 144 30.92 -2.31 -28.72
C ILE B 144 31.70 -1.20 -29.41
N LEU B 145 31.04 -0.07 -29.63
CA LEU B 145 31.59 1.01 -30.42
C LEU B 145 31.65 2.29 -29.59
N PHE B 146 32.85 2.86 -29.48
CA PHE B 146 33.03 4.13 -28.80
C PHE B 146 33.89 5.09 -29.62
N ARG B 156 33.92 5.27 -23.77
CA ARG B 156 34.13 3.96 -23.15
C ARG B 156 33.93 4.04 -21.65
N LEU B 157 34.39 5.14 -21.06
CA LEU B 157 34.32 5.30 -19.62
C LEU B 157 32.87 5.24 -19.15
N MET B 158 32.62 4.42 -18.12
CA MET B 158 31.31 4.32 -17.51
C MET B 158 31.45 3.58 -16.18
N SER B 159 30.31 3.26 -15.57
CA SER B 159 30.29 2.73 -14.22
C SER B 159 30.43 1.21 -14.24
N LYS B 160 30.79 0.67 -13.06
CA LYS B 160 30.90 -0.78 -12.92
C LYS B 160 29.53 -1.44 -13.03
N ARG B 161 28.48 -0.76 -12.57
CA ARG B 161 27.13 -1.27 -12.78
C ARG B 161 26.69 -1.03 -14.22
N CYS B 162 26.96 0.16 -14.75
CA CYS B 162 26.81 0.37 -16.18
C CYS B 162 27.61 -0.66 -16.96
N LYS B 163 28.79 -1.03 -16.46
CA LYS B 163 29.58 -2.08 -17.08
C LYS B 163 28.83 -3.41 -17.09
N GLU B 164 28.40 -3.84 -15.91
CA GLU B 164 27.59 -5.04 -15.79
C GLU B 164 26.50 -5.07 -16.85
N LYS B 165 25.63 -4.06 -16.81
CA LYS B 165 24.45 -4.09 -17.65
C LYS B 165 24.82 -4.00 -19.13
N LEU B 166 25.84 -3.20 -19.45
CA LEU B 166 26.31 -3.08 -20.81
C LEU B 166 26.72 -4.44 -21.36
N ASN B 167 27.52 -5.18 -20.61
CA ASN B 167 28.07 -6.42 -21.14
C ASN B 167 27.04 -7.54 -21.13
N VAL B 168 26.07 -7.49 -20.22
CA VAL B 168 25.00 -8.49 -20.29
C VAL B 168 24.03 -8.15 -21.41
N LEU B 169 24.05 -6.90 -21.88
CA LEU B 169 23.20 -6.49 -23.00
C LEU B 169 23.87 -6.78 -24.34
N ALA B 170 25.21 -6.73 -24.37
CA ALA B 170 25.94 -6.63 -25.64
C ALA B 170 25.56 -7.73 -26.61
N TYR B 171 25.49 -8.96 -26.14
CA TYR B 171 25.38 -10.10 -27.05
C TYR B 171 23.95 -10.57 -27.22
N SER B 172 23.11 -10.33 -26.21
CA SER B 172 21.67 -10.42 -26.45
C SER B 172 21.27 -9.51 -27.61
N VAL B 173 21.94 -8.37 -27.74
CA VAL B 173 21.67 -7.50 -28.89
C VAL B 173 21.98 -8.25 -30.19
N MET B 174 23.22 -8.70 -30.35
CA MET B 174 23.59 -9.39 -31.58
C MET B 174 22.63 -10.54 -31.85
N ASN B 175 22.17 -11.22 -30.79
CA ASN B 175 21.10 -12.19 -30.96
C ASN B 175 19.85 -11.54 -31.51
N GLU B 176 19.65 -10.26 -31.18
CA GLU B 176 18.55 -9.50 -31.77
C GLU B 176 18.89 -9.03 -33.17
N TRP B 177 20.14 -8.66 -33.40
CA TRP B 177 20.57 -8.12 -34.70
C TRP B 177 21.87 -8.73 -35.16
N PRO B 178 21.87 -9.48 -36.26
CA PRO B 178 23.12 -9.77 -36.95
C PRO B 178 23.52 -8.60 -37.84
N GLY B 179 24.83 -8.39 -37.97
CA GLY B 179 25.35 -7.30 -38.76
C GLY B 179 25.32 -5.95 -38.06
N ILE B 180 24.47 -5.78 -37.06
CA ILE B 180 24.40 -4.56 -36.28
C ILE B 180 24.81 -4.88 -34.85
N ARG B 181 25.45 -3.93 -34.19
CA ARG B 181 26.13 -4.19 -32.94
C ARG B 181 25.90 -3.08 -31.93
N LEU B 182 26.32 -3.35 -30.71
CA LEU B 182 26.18 -2.39 -29.62
C LEU B 182 27.00 -1.14 -29.92
N LEU B 183 26.30 -0.03 -30.20
CA LEU B 183 26.92 1.26 -30.46
C LEU B 183 26.62 2.20 -29.32
N VAL B 184 27.66 2.66 -28.64
CA VAL B 184 27.52 3.63 -27.56
C VAL B 184 27.61 5.02 -28.17
N THR B 185 26.47 5.69 -28.24
CA THR B 185 26.43 7.05 -28.76
C THR B 185 26.93 8.07 -27.75
N GLU B 186 26.78 7.81 -26.45
CA GLU B 186 27.26 8.74 -25.44
C GLU B 186 27.37 8.02 -24.09
N SER B 187 28.59 7.93 -23.55
CA SER B 187 28.86 7.13 -22.37
C SER B 187 29.17 7.98 -21.14
N TRP B 188 30.22 8.81 -21.24
CA TRP B 188 30.67 9.59 -20.11
C TRP B 188 30.89 11.03 -20.54
N ASP B 189 30.55 11.97 -19.66
CA ASP B 189 30.57 13.39 -19.99
C ASP B 189 31.42 14.15 -18.99
N GLU B 190 32.24 15.06 -19.51
CA GLU B 190 32.98 15.99 -18.69
C GLU B 190 32.97 17.41 -19.25
N ASP B 191 32.40 17.61 -20.44
CA ASP B 191 32.38 18.90 -21.12
C ASP B 191 31.02 19.56 -21.06
N TYR B 192 30.21 19.24 -20.04
CA TYR B 192 28.98 19.97 -19.76
C TYR B 192 28.04 20.03 -20.96
N HIS B 193 27.52 18.87 -21.38
CA HIS B 193 26.54 18.80 -22.45
C HIS B 193 25.22 18.20 -22.00
N HIS B 194 25.18 17.56 -20.83
CA HIS B 194 23.97 16.89 -20.35
C HIS B 194 23.30 17.68 -19.23
N GLY B 195 23.33 19.01 -19.31
CA GLY B 195 22.64 19.82 -18.33
C GLY B 195 23.44 19.98 -17.06
N GLN B 196 22.81 20.63 -16.07
CA GLN B 196 23.45 20.84 -14.78
C GLN B 196 23.51 19.54 -13.98
N GLU B 197 22.83 18.49 -14.41
CA GLU B 197 22.82 17.20 -13.74
C GLU B 197 22.78 16.10 -14.78
N SER B 198 23.60 15.07 -14.59
CA SER B 198 23.57 13.91 -15.46
C SER B 198 24.46 12.81 -14.87
N LEU B 199 24.02 11.57 -15.02
CA LEU B 199 24.84 10.43 -14.66
C LEU B 199 25.93 10.16 -15.70
N HIS B 200 25.81 10.78 -16.88
CA HIS B 200 26.94 10.81 -17.80
C HIS B 200 28.15 11.48 -17.15
N TYR B 201 27.90 12.43 -16.24
CA TYR B 201 28.98 13.10 -15.52
C TYR B 201 29.70 12.18 -14.57
N GLU B 202 29.10 11.04 -14.22
CA GLU B 202 29.76 10.02 -13.42
C GLU B 202 29.81 8.68 -14.15
N GLY B 203 29.64 8.69 -15.47
CA GLY B 203 29.80 7.47 -16.24
C GLY B 203 28.82 6.38 -15.86
N ARG B 204 27.58 6.76 -15.55
CA ARG B 204 26.53 5.78 -15.27
C ARG B 204 25.40 5.79 -16.29
N ALA B 205 25.04 6.96 -16.80
CA ALA B 205 24.02 7.09 -17.83
C ALA B 205 24.61 6.69 -19.16
N VAL B 206 23.74 6.31 -20.11
CA VAL B 206 24.17 6.02 -21.46
C VAL B 206 23.07 6.45 -22.43
N THR B 207 23.42 7.32 -23.37
CA THR B 207 22.60 7.59 -24.54
C THR B 207 23.04 6.61 -25.61
N ILE B 208 22.10 5.92 -26.22
CA ILE B 208 22.34 4.62 -26.81
C ILE B 208 21.63 4.48 -28.13
N ALA B 209 22.24 3.68 -29.01
CA ALA B 209 21.71 3.41 -30.33
C ALA B 209 22.46 2.21 -30.89
N THR B 210 21.92 1.63 -31.96
CA THR B 210 22.58 0.51 -32.60
C THR B 210 23.68 0.98 -33.54
N SER B 211 24.55 0.03 -33.90
CA SER B 211 25.61 0.35 -34.85
C SER B 211 25.06 0.74 -36.22
N ASP B 212 23.76 0.57 -36.45
CA ASP B 212 23.14 0.93 -37.72
C ASP B 212 22.29 2.18 -37.64
N ARG B 213 21.98 2.67 -36.44
CA ARG B 213 21.29 3.95 -36.27
C ARG B 213 19.97 3.99 -37.02
N ASP B 214 19.03 3.13 -36.59
CA ASP B 214 17.73 3.04 -37.24
C ASP B 214 16.64 3.27 -36.19
N GLN B 215 15.76 4.24 -36.45
CA GLN B 215 14.85 4.75 -35.42
C GLN B 215 13.95 3.65 -34.85
N SER B 216 13.02 3.15 -35.65
CA SER B 216 11.97 2.29 -35.11
C SER B 216 12.51 0.99 -34.56
N LYS B 217 13.78 0.68 -34.79
CA LYS B 217 14.42 -0.45 -34.15
C LYS B 217 14.48 -0.33 -32.64
N TYR B 218 14.84 0.85 -32.13
CA TYR B 218 15.25 0.96 -30.74
C TYR B 218 14.19 0.46 -29.77
N GLY B 219 12.92 0.59 -30.13
CA GLY B 219 11.86 0.11 -29.25
C GLY B 219 12.12 -1.29 -28.75
N MET B 220 12.57 -2.19 -29.64
CA MET B 220 12.85 -3.55 -29.22
C MET B 220 14.23 -3.64 -28.56
N LEU B 221 15.18 -2.84 -29.04
CA LEU B 221 16.48 -2.80 -28.39
C LEU B 221 16.32 -2.50 -26.90
N ALA B 222 15.72 -1.35 -26.60
CA ALA B 222 15.43 -1.01 -25.22
C ALA B 222 14.81 -2.19 -24.49
N ARG B 223 13.93 -2.94 -25.16
CA ARG B 223 13.32 -4.10 -24.52
C ARG B 223 14.40 -5.03 -23.98
N LEU B 224 15.25 -5.54 -24.86
CA LEU B 224 16.29 -6.45 -24.41
C LEU B 224 17.20 -5.79 -23.38
N ALA B 225 17.27 -4.45 -23.39
CA ALA B 225 17.99 -3.76 -22.34
C ALA B 225 17.58 -4.29 -20.98
N VAL B 226 16.29 -4.17 -20.67
CA VAL B 226 15.79 -4.71 -19.41
C VAL B 226 16.02 -6.20 -19.35
N GLU B 227 15.85 -6.88 -20.49
CA GLU B 227 16.04 -8.32 -20.51
C GLU B 227 17.47 -8.70 -20.14
N ALA B 228 18.41 -7.76 -20.29
CA ALA B 228 19.77 -8.01 -19.84
C ALA B 228 19.91 -7.82 -18.33
N GLY B 229 19.02 -7.07 -17.72
CA GLY B 229 19.11 -6.77 -16.30
C GLY B 229 19.31 -5.31 -15.98
N PHE B 230 18.99 -4.40 -16.90
CA PHE B 230 19.16 -2.98 -16.63
C PHE B 230 18.17 -2.53 -15.58
N ASP B 231 18.37 -1.32 -15.06
CA ASP B 231 17.51 -0.81 -13.99
C ASP B 231 16.55 0.29 -14.47
N TRP B 232 16.93 1.08 -15.47
CA TRP B 232 16.01 2.09 -15.99
C TRP B 232 16.27 2.35 -17.47
N VAL B 233 15.19 2.64 -18.20
CA VAL B 233 15.19 2.71 -19.66
C VAL B 233 14.24 3.82 -20.09
N SER B 234 14.40 4.30 -21.32
CA SER B 234 13.39 5.14 -21.96
C SER B 234 13.73 5.34 -23.43
N TYR B 235 12.75 5.05 -24.30
CA TYR B 235 12.79 5.50 -25.68
C TYR B 235 12.57 7.01 -25.71
N VAL B 236 13.57 7.71 -25.16
CA VAL B 236 13.41 9.14 -24.88
C VAL B 236 13.56 9.97 -26.14
N SER B 237 13.77 9.33 -27.30
CA SER B 237 13.85 10.03 -28.58
C SER B 237 13.97 9.01 -29.69
N ARG B 238 13.63 9.45 -30.91
CA ARG B 238 13.94 8.65 -32.09
C ARG B 238 15.42 8.62 -32.37
N ARG B 239 16.14 9.71 -32.09
CA ARG B 239 17.57 9.77 -32.40
C ARG B 239 18.34 8.80 -31.52
N HIS B 240 17.83 8.51 -30.33
CA HIS B 240 18.57 7.75 -29.35
C HIS B 240 17.62 7.26 -28.28
N ILE B 241 18.09 6.34 -27.48
CA ILE B 241 17.39 5.89 -26.30
C ILE B 241 18.27 6.24 -25.10
N TYR B 242 17.70 6.22 -23.91
CA TYR B 242 18.45 6.47 -22.69
C TYR B 242 18.34 5.25 -21.79
N CYS B 243 19.45 4.90 -21.15
CA CYS B 243 19.44 3.87 -20.12
C CYS B 243 20.30 4.30 -18.95
N SER B 244 19.99 3.74 -17.79
CA SER B 244 20.62 4.16 -16.55
C SER B 244 20.50 3.06 -15.52
N VAL B 245 21.29 3.20 -14.46
CA VAL B 245 21.53 2.13 -13.50
C VAL B 245 21.58 2.74 -12.11
N LYS B 246 21.29 1.91 -11.10
CA LYS B 246 21.30 2.38 -9.72
C LYS B 246 22.72 2.67 -9.27
N SER B 247 22.83 3.45 -8.18
CA SER B 247 24.10 3.60 -7.49
C SER B 247 24.61 2.23 -7.06
N ASP B 248 25.80 1.88 -7.53
CA ASP B 248 26.37 0.55 -7.35
C ASP B 248 26.16 0.02 -5.93
C1 NAG C . 27.69 -37.05 -3.98
C2 NAG C . 28.71 -35.97 -4.34
C3 NAG C . 29.70 -36.51 -5.37
C4 NAG C . 30.38 -37.78 -4.85
C5 NAG C . 29.30 -38.80 -4.48
C6 NAG C . 29.89 -40.06 -3.89
C7 NAG C . 27.76 -33.73 -4.03
C8 NAG C . 27.09 -32.57 -4.70
N2 NAG C . 28.05 -34.77 -4.83
O3 NAG C . 30.67 -35.52 -5.69
O4 NAG C . 31.28 -38.35 -5.79
O5 NAG C . 28.39 -38.25 -3.51
O6 NAG C . 29.54 -40.19 -2.52
O7 NAG C . 28.03 -33.74 -2.84
H2 NAG C . 29.21 -35.75 -3.54
H3 NAG C . 29.20 -36.72 -6.18
H4 NAG C . 30.87 -37.55 -4.03
H5 NAG C . 28.78 -39.02 -5.28
H61 NAG C . 30.85 -40.03 -3.96
H62 NAG C . 29.56 -40.83 -4.39
H81 NAG C . 27.74 -31.87 -4.87
H82 NAG C . 26.37 -32.24 -4.12
H83 NAG C . 26.70 -32.86 -5.55
HN2 NAG C . 27.84 -34.72 -5.72
HO3 NAG C . 30.64 -35.35 -6.56
HO6 NAG C . 29.79 -39.46 -2.07
C1 NAG C . 32.27 -39.27 -6.08
C2 NAG C . 32.73 -40.47 -6.89
C3 NAG C . 33.39 -40.01 -8.18
C4 NAG C . 34.45 -38.93 -7.93
C5 NAG C . 34.03 -37.88 -6.90
C6 NAG C . 33.09 -36.84 -7.46
C7 NAG C . 34.08 -42.52 -6.46
C8 NAG C . 33.53 -43.09 -7.73
N2 NAG C . 33.66 -41.29 -6.12
O3 NAG C . 32.39 -39.53 -9.06
O4 NAG C . 35.66 -39.55 -7.50
O5 NAG C . 33.36 -38.47 -5.76
O6 NAG C . 33.76 -36.01 -8.40
O7 NAG C . 34.86 -43.16 -5.75
H2 NAG C . 31.95 -41.00 -7.13
H3 NAG C . 33.84 -40.74 -8.62
H4 NAG C . 34.63 -38.48 -8.78
H5 NAG C . 34.83 -37.43 -6.59
H61 NAG C . 32.75 -36.30 -6.73
H62 NAG C . 32.33 -37.29 -7.90
H81 NAG C . 33.62 -44.06 -7.72
H82 NAG C . 34.05 -42.76 -8.49
H83 NAG C . 32.60 -42.86 -7.85
HN2 NAG C . 33.97 -40.94 -5.34
HO3 NAG C . 32.05 -40.21 -9.51
HO4 NAG C . 36.21 -39.60 -8.19
HO6 NAG C . 34.36 -36.50 -8.84
C1 NAG D . -11.36 4.40 -51.14
C2 NAG D . -11.30 3.39 -50.00
C3 NAG D . -11.20 1.98 -50.57
C4 NAG D . -12.34 1.72 -51.54
C5 NAG D . -12.37 2.81 -52.60
C6 NAG D . -13.56 2.70 -53.52
C7 NAG D . -9.76 2.82 -48.17
C8 NAG D . -8.59 3.27 -47.34
N2 NAG D . -10.17 3.67 -49.11
O3 NAG D . -11.27 1.02 -49.51
O4 NAG D . -12.16 0.46 -52.17
O5 NAG D . -12.47 4.10 -51.97
O6 NAG D . -14.76 2.47 -52.80
O7 NAG D . -10.28 1.73 -47.99
H2 NAG D . -12.12 3.47 -49.49
H3 NAG D . -10.36 1.89 -51.03
H4 NAG D . -13.18 1.73 -51.05
H5 NAG D . -11.54 2.78 -53.12
H61 NAG D . -13.40 1.96 -54.14
H62 NAG D . -13.65 3.52 -54.03
H81 NAG D . -8.78 3.10 -46.40
H82 NAG D . -8.46 4.24 -47.47
H83 NAG D . -7.79 2.78 -47.62
HN2 NAG D . -9.75 4.46 -49.20
HO3 NAG D . -11.17 0.21 -49.85
HO4 NAG D . -11.37 0.13 -51.91
HO6 NAG D . -14.70 1.68 -52.38
#